data_3VM6
#
_entry.id   3VM6
#
_cell.length_a   146.537
_cell.length_b   146.537
_cell.length_c   99.649
_cell.angle_alpha   90.00
_cell.angle_beta   90.00
_cell.angle_gamma   90.00
#
_symmetry.space_group_name_H-M   'P 41 21 2'
#
loop_
_entity.id
_entity.type
_entity.pdbx_description
1 polymer 'Translation initiation factor eIF-2B, delta subunit'
2 non-polymer 1,5-di-O-phosphono-alpha-D-ribofuranose
3 non-polymer DI(HYDROXYETHYL)ETHER
4 non-polymer 'CHLORIDE ION'
5 non-polymer 'MAGNESIUM ION'
6 non-polymer 'TETRAETHYLENE GLYCOL'
7 water water
#
_entity_poly.entity_id   1
_entity_poly.type   'polypeptide(L)'
_entity_poly.pdbx_seq_one_letter_code
;MNHKVHHHHHHIEGRHMAVVKEVLEIAEKIKNMEIRGAGKIARSAAYALQLQAEKSKATNVDEFWKEMKQAAKILFETRP
TAVSLPNALRYVMHRGKIAYSSGADLEQLRFVIINAAKEFIHNSEKALERIGEFGAKRIEDGDVIMTHSHSKAAISVMKT
AWEQGKDIKVIVTETRPKWQGKITAKELASYGIPVIYVVDSAARHYMKMTDKVVMGADSITVNGAVINKIGTALIALTAK
EHRVWTMIAAETYKFHPETMLGQLVEIEMRDPTEVIPEDELKTWPKNIEVWNPAFDVTPPEYVDVIITERGIIPPYAAID
ILREEFGWALKYTEPWED
;
_entity_poly.pdbx_strand_id   A,B,C
#
loop_
_chem_comp.id
_chem_comp.type
_chem_comp.name
_chem_comp.formula
CL non-polymer 'CHLORIDE ION' 'Cl -1'
MG non-polymer 'MAGNESIUM ION' 'Mg 2'
PEG non-polymer DI(HYDROXYETHYL)ETHER 'C4 H10 O3'
PG4 non-polymer 'TETRAETHYLENE GLYCOL' 'C8 H18 O5'
RI2 D-saccharide, alpha linking 1,5-di-O-phosphono-alpha-D-ribofuranose 'C5 H12 O11 P2'
#
# COMPACT_ATOMS: atom_id res chain seq x y z
N ALA A 18 -23.01 21.80 -34.11
CA ALA A 18 -21.68 22.45 -34.33
C ALA A 18 -20.60 21.39 -34.52
N VAL A 19 -20.81 20.22 -33.91
CA VAL A 19 -19.85 19.12 -34.01
C VAL A 19 -20.01 18.41 -35.35
N VAL A 20 -18.92 17.77 -35.79
CA VAL A 20 -18.93 17.04 -37.06
C VAL A 20 -19.90 15.87 -36.94
N LYS A 21 -20.14 15.18 -38.05
CA LYS A 21 -21.05 14.04 -38.05
C LYS A 21 -20.42 12.85 -37.32
N GLU A 22 -19.22 12.47 -37.78
CA GLU A 22 -18.49 11.35 -37.21
C GLU A 22 -18.50 11.30 -35.68
N VAL A 23 -18.17 12.42 -35.03
CA VAL A 23 -18.13 12.45 -33.58
C VAL A 23 -19.46 11.94 -33.01
N LEU A 24 -20.57 12.51 -33.48
CA LEU A 24 -21.89 12.12 -33.00
C LEU A 24 -22.21 10.65 -33.15
N GLU A 25 -21.70 10.01 -34.19
CA GLU A 25 -21.99 8.59 -34.39
C GLU A 25 -21.03 7.65 -33.67
N ILE A 26 -19.83 8.13 -33.38
CA ILE A 26 -18.89 7.28 -32.65
C ILE A 26 -19.47 7.27 -31.24
N ALA A 27 -20.04 8.41 -30.85
CA ALA A 27 -20.66 8.56 -29.54
C ALA A 27 -21.85 7.61 -29.47
N GLU A 28 -22.57 7.49 -30.58
CA GLU A 28 -23.73 6.61 -30.63
C GLU A 28 -23.38 5.14 -30.55
N LYS A 29 -22.26 4.77 -31.19
CA LYS A 29 -21.81 3.38 -31.19
C LYS A 29 -21.25 3.00 -29.83
N ILE A 30 -20.90 3.99 -29.02
CA ILE A 30 -20.38 3.72 -27.69
C ILE A 30 -21.58 3.46 -26.78
N LYS A 31 -22.60 4.31 -26.94
CA LYS A 31 -23.85 4.25 -26.19
C LYS A 31 -24.65 2.94 -26.34
N ASN A 32 -24.45 2.23 -27.46
CA ASN A 32 -25.17 0.99 -27.75
C ASN A 32 -24.23 -0.21 -27.79
N MET A 33 -22.99 0.03 -27.38
CA MET A 33 -21.97 -1.01 -27.33
C MET A 33 -21.62 -1.70 -28.64
N GLU A 34 -21.81 -0.99 -29.74
CA GLU A 34 -21.43 -1.53 -31.05
C GLU A 34 -19.92 -1.51 -30.95
N ILE A 35 -19.44 -0.64 -30.07
CA ILE A 35 -18.03 -0.49 -29.76
C ILE A 35 -17.96 -0.55 -28.26
N ARG A 36 -17.29 -1.55 -27.72
CA ARG A 36 -17.18 -1.66 -26.26
C ARG A 36 -15.82 -2.17 -25.79
N GLY A 37 -15.61 -2.16 -24.47
CA GLY A 37 -14.33 -2.58 -23.93
C GLY A 37 -13.57 -1.33 -23.55
N ALA A 38 -13.52 -1.01 -22.27
CA ALA A 38 -12.86 0.20 -21.77
C ALA A 38 -11.75 0.77 -22.65
N GLY A 39 -10.77 -0.06 -23.00
CA GLY A 39 -9.65 0.39 -23.82
C GLY A 39 -10.05 0.92 -25.18
N LYS A 40 -10.75 0.07 -25.94
CA LYS A 40 -11.22 0.39 -27.28
C LYS A 40 -12.11 1.62 -27.26
N ILE A 41 -12.90 1.75 -26.19
CA ILE A 41 -13.79 2.88 -26.02
C ILE A 41 -13.01 4.19 -25.87
N ALA A 42 -11.92 4.13 -25.10
CA ALA A 42 -11.08 5.28 -24.86
C ALA A 42 -10.41 5.76 -26.14
N ARG A 43 -9.98 4.83 -26.99
CA ARG A 43 -9.34 5.20 -28.24
C ARG A 43 -10.39 5.70 -29.22
N SER A 44 -11.52 5.01 -29.31
CA SER A 44 -12.57 5.44 -30.20
C SER A 44 -12.88 6.89 -29.88
N ALA A 45 -12.92 7.21 -28.60
CA ALA A 45 -13.21 8.56 -28.14
C ALA A 45 -12.12 9.55 -28.59
N ALA A 46 -10.85 9.12 -28.49
CA ALA A 46 -9.71 9.95 -28.89
C ALA A 46 -9.74 10.17 -30.40
N TYR A 47 -10.03 9.10 -31.13
CA TYR A 47 -10.11 9.16 -32.58
C TYR A 47 -11.15 10.21 -32.96
N ALA A 48 -12.30 10.11 -32.30
CA ALA A 48 -13.40 11.03 -32.55
C ALA A 48 -12.91 12.47 -32.42
N LEU A 49 -12.28 12.81 -31.30
CA LEU A 49 -11.81 14.17 -31.12
C LEU A 49 -10.90 14.55 -32.27
N GLN A 50 -10.16 13.57 -32.77
CA GLN A 50 -9.26 13.82 -33.89
C GLN A 50 -10.10 14.23 -35.09
N LEU A 51 -11.07 13.40 -35.46
CA LEU A 51 -11.95 13.67 -36.60
C LEU A 51 -12.62 15.04 -36.50
N GLN A 52 -12.95 15.47 -35.27
CA GLN A 52 -13.56 16.77 -35.10
C GLN A 52 -12.56 17.84 -35.54
N ALA A 53 -11.39 17.86 -34.90
CA ALA A 53 -10.34 18.83 -35.22
C ALA A 53 -9.84 18.62 -36.65
N GLU A 54 -9.95 17.40 -37.15
CA GLU A 54 -9.49 17.08 -38.50
C GLU A 54 -10.46 17.59 -39.55
N LYS A 55 -11.72 17.16 -39.44
CA LYS A 55 -12.78 17.55 -40.37
C LYS A 55 -13.58 18.81 -39.98
N SER A 56 -13.10 19.58 -39.01
CA SER A 56 -13.83 20.79 -38.61
C SER A 56 -13.80 21.84 -39.71
N LYS A 57 -14.63 22.87 -39.55
CA LYS A 57 -14.66 23.96 -40.52
C LYS A 57 -14.65 25.28 -39.77
N ALA A 58 -14.43 25.23 -38.45
CA ALA A 58 -14.38 26.45 -37.65
C ALA A 58 -13.55 27.44 -38.44
N THR A 59 -13.98 28.69 -38.49
CA THR A 59 -13.26 29.75 -39.23
C THR A 59 -12.58 30.73 -38.28
N ASN A 60 -12.57 30.37 -37.01
CA ASN A 60 -11.98 31.18 -35.96
C ASN A 60 -11.39 30.15 -34.98
N VAL A 61 -10.59 30.60 -34.01
CA VAL A 61 -10.00 29.66 -33.07
C VAL A 61 -10.89 29.55 -31.81
N ASP A 62 -11.30 30.71 -31.27
CA ASP A 62 -12.15 30.74 -30.07
C ASP A 62 -13.43 29.95 -30.34
N GLU A 63 -13.76 29.80 -31.61
CA GLU A 63 -14.93 29.03 -32.01
C GLU A 63 -14.55 27.54 -32.04
N PHE A 64 -13.40 27.23 -32.65
CA PHE A 64 -12.90 25.86 -32.73
C PHE A 64 -12.93 25.22 -31.35
N TRP A 65 -12.15 25.80 -30.45
CA TRP A 65 -12.07 25.34 -29.08
C TRP A 65 -13.48 25.20 -28.45
N LYS A 66 -14.47 25.81 -29.08
CA LYS A 66 -15.84 25.72 -28.57
C LYS A 66 -16.34 24.34 -28.99
N GLU A 67 -16.40 24.12 -30.31
CA GLU A 67 -16.87 22.85 -30.88
C GLU A 67 -15.93 21.68 -30.57
N MET A 68 -15.06 21.87 -29.58
CA MET A 68 -14.17 20.81 -29.18
C MET A 68 -14.69 20.42 -27.80
N LYS A 69 -14.90 21.44 -26.97
CA LYS A 69 -15.42 21.22 -25.62
C LYS A 69 -16.85 20.66 -25.76
N GLN A 70 -17.44 20.89 -26.93
CA GLN A 70 -18.79 20.42 -27.23
C GLN A 70 -18.76 18.94 -27.61
N ALA A 71 -17.86 18.57 -28.51
CA ALA A 71 -17.77 17.17 -28.91
C ALA A 71 -17.13 16.33 -27.81
N ALA A 72 -16.36 16.96 -26.92
CA ALA A 72 -15.74 16.23 -25.80
C ALA A 72 -16.85 15.89 -24.82
N LYS A 73 -17.58 16.92 -24.40
CA LYS A 73 -18.69 16.75 -23.46
C LYS A 73 -19.79 15.80 -24.02
N ILE A 74 -19.92 15.71 -25.34
CA ILE A 74 -20.91 14.81 -25.92
C ILE A 74 -20.46 13.37 -25.66
N LEU A 75 -19.19 13.09 -25.98
CA LEU A 75 -18.60 11.78 -25.79
C LEU A 75 -18.57 11.38 -24.30
N PHE A 76 -18.22 12.32 -23.44
CA PHE A 76 -18.16 12.08 -22.02
C PHE A 76 -19.47 11.52 -21.48
N GLU A 77 -20.57 11.98 -22.09
CA GLU A 77 -21.91 11.58 -21.71
C GLU A 77 -22.45 10.36 -22.47
N THR A 78 -21.57 9.42 -22.81
CA THR A 78 -22.00 8.22 -23.51
C THR A 78 -22.24 7.14 -22.47
N ARG A 79 -21.18 6.68 -21.82
CA ARG A 79 -21.27 5.68 -20.77
C ARG A 79 -20.46 6.27 -19.61
N PRO A 80 -20.81 5.96 -18.36
CA PRO A 80 -20.06 6.51 -17.21
C PRO A 80 -19.07 5.68 -16.42
N THR A 81 -19.23 4.37 -16.38
CA THR A 81 -18.34 3.55 -15.57
C THR A 81 -16.84 3.57 -15.85
N ALA A 82 -16.44 3.29 -17.08
CA ALA A 82 -15.03 3.27 -17.45
C ALA A 82 -14.38 4.65 -17.51
N VAL A 83 -13.38 4.90 -16.68
CA VAL A 83 -12.71 6.20 -16.70
C VAL A 83 -11.88 6.33 -17.96
N SER A 84 -11.47 5.20 -18.52
CA SER A 84 -10.67 5.22 -19.73
C SER A 84 -11.23 6.27 -20.70
N LEU A 85 -12.54 6.47 -20.70
CA LEU A 85 -13.15 7.45 -21.59
C LEU A 85 -12.87 8.88 -21.15
N PRO A 86 -13.31 9.28 -19.95
CA PRO A 86 -12.99 10.67 -19.62
C PRO A 86 -11.49 10.87 -19.42
N ASN A 87 -10.73 9.78 -19.34
CA ASN A 87 -9.28 9.91 -19.19
C ASN A 87 -8.66 10.20 -20.55
N ALA A 88 -9.06 9.45 -21.58
CA ALA A 88 -8.53 9.70 -22.92
C ALA A 88 -8.92 11.15 -23.27
N LEU A 89 -10.20 11.47 -23.07
CA LEU A 89 -10.72 12.80 -23.35
C LEU A 89 -9.89 13.88 -22.70
N ARG A 90 -9.55 13.68 -21.42
CA ARG A 90 -8.75 14.66 -20.71
C ARG A 90 -7.37 14.82 -21.36
N TYR A 91 -6.77 13.69 -21.74
CA TYR A 91 -5.44 13.69 -22.36
C TYR A 91 -5.32 14.57 -23.60
N VAL A 92 -6.33 14.53 -24.46
CA VAL A 92 -6.31 15.34 -25.67
C VAL A 92 -6.73 16.80 -25.38
N MET A 93 -7.85 16.98 -24.69
CA MET A 93 -8.33 18.32 -24.35
C MET A 93 -7.36 19.10 -23.47
N HIS A 94 -6.78 18.44 -22.47
CA HIS A 94 -5.83 19.10 -21.56
C HIS A 94 -4.67 19.73 -22.37
N ARG A 95 -4.28 19.11 -23.48
CA ARG A 95 -3.20 19.66 -24.30
C ARG A 95 -3.72 20.81 -25.13
N GLY A 96 -4.96 20.69 -25.58
CA GLY A 96 -5.54 21.77 -26.35
C GLY A 96 -5.69 22.99 -25.45
N LYS A 97 -6.27 22.79 -24.27
CA LYS A 97 -6.45 23.91 -23.36
C LYS A 97 -5.10 24.56 -23.01
N ILE A 98 -4.08 23.76 -22.75
CA ILE A 98 -2.77 24.31 -22.43
C ILE A 98 -2.36 25.24 -23.57
N ALA A 99 -2.45 24.73 -24.80
CA ALA A 99 -2.11 25.49 -25.98
C ALA A 99 -2.98 26.75 -26.04
N TYR A 100 -4.25 26.57 -26.41
CA TYR A 100 -5.24 27.64 -26.54
C TYR A 100 -5.10 28.80 -25.55
N SER A 101 -5.20 28.51 -24.26
CA SER A 101 -5.07 29.55 -23.27
C SER A 101 -3.70 30.27 -23.29
N SER A 102 -2.79 29.82 -24.17
CA SER A 102 -1.48 30.46 -24.28
C SER A 102 -1.47 31.41 -25.46
N GLY A 103 -2.40 31.20 -26.38
CA GLY A 103 -2.48 32.03 -27.56
C GLY A 103 -2.34 31.17 -28.80
N ALA A 104 -2.97 30.01 -28.78
CA ALA A 104 -2.85 29.10 -29.92
C ALA A 104 -3.52 29.65 -31.17
N ASP A 105 -2.78 29.58 -32.28
CA ASP A 105 -3.29 30.03 -33.57
C ASP A 105 -4.38 29.03 -33.93
N LEU A 106 -5.24 29.35 -34.89
CA LEU A 106 -6.27 28.39 -35.29
C LEU A 106 -5.63 27.06 -35.66
N GLU A 107 -4.71 27.09 -36.62
CA GLU A 107 -4.05 25.88 -37.08
C GLU A 107 -3.10 25.23 -36.07
N GLN A 108 -2.56 26.04 -35.17
CA GLN A 108 -1.68 25.51 -34.15
C GLN A 108 -2.49 24.48 -33.33
N LEU A 109 -3.66 24.90 -32.85
CA LEU A 109 -4.56 24.06 -32.05
C LEU A 109 -5.03 22.81 -32.81
N ARG A 110 -5.37 22.97 -34.08
CA ARG A 110 -5.81 21.82 -34.86
C ARG A 110 -4.73 20.77 -34.92
N PHE A 111 -3.50 21.21 -34.70
CA PHE A 111 -2.40 20.27 -34.73
C PHE A 111 -2.24 19.67 -33.34
N VAL A 112 -2.16 20.53 -32.34
CA VAL A 112 -2.03 20.07 -30.97
C VAL A 112 -3.00 18.90 -30.77
N ILE A 113 -4.25 19.10 -31.19
CA ILE A 113 -5.26 18.08 -31.01
C ILE A 113 -5.03 16.82 -31.83
N ILE A 114 -5.08 16.90 -33.16
CA ILE A 114 -4.85 15.70 -33.95
C ILE A 114 -3.63 14.94 -33.43
N ASN A 115 -2.71 15.66 -32.79
CA ASN A 115 -1.50 15.04 -32.26
C ASN A 115 -1.74 14.27 -30.98
N ALA A 116 -2.32 14.94 -30.00
CA ALA A 116 -2.64 14.35 -28.71
C ALA A 116 -3.48 13.10 -28.90
N ALA A 117 -4.39 13.13 -29.87
CA ALA A 117 -5.26 12.00 -30.14
C ALA A 117 -4.49 10.86 -30.79
N LYS A 118 -3.43 11.21 -31.52
CA LYS A 118 -2.60 10.21 -32.17
C LYS A 118 -1.79 9.48 -31.10
N GLU A 119 -1.19 10.25 -30.19
CA GLU A 119 -0.37 9.67 -29.15
C GLU A 119 -1.11 8.77 -28.17
N PHE A 120 -2.29 9.19 -27.71
CA PHE A 120 -3.04 8.34 -26.77
C PHE A 120 -3.38 7.02 -27.45
N ILE A 121 -3.87 7.09 -28.69
CA ILE A 121 -4.22 5.89 -29.43
C ILE A 121 -3.01 5.01 -29.56
N HIS A 122 -1.88 5.64 -29.91
CA HIS A 122 -0.63 4.90 -30.07
C HIS A 122 -0.17 4.33 -28.72
N ASN A 123 -0.07 5.21 -27.72
CA ASN A 123 0.33 4.83 -26.37
C ASN A 123 -0.51 3.66 -25.84
N SER A 124 -1.81 3.71 -26.14
CA SER A 124 -2.74 2.67 -25.73
C SER A 124 -2.32 1.34 -26.36
N GLU A 125 -2.13 1.34 -27.67
CA GLU A 125 -1.73 0.12 -28.37
C GLU A 125 -0.43 -0.42 -27.78
N LYS A 126 0.46 0.48 -27.38
CA LYS A 126 1.73 0.12 -26.77
C LYS A 126 1.47 -0.55 -25.42
N ALA A 127 0.75 0.16 -24.56
CA ALA A 127 0.41 -0.29 -23.23
C ALA A 127 -0.05 -1.75 -23.19
N LEU A 128 -0.87 -2.16 -24.14
CA LEU A 128 -1.36 -3.54 -24.17
C LEU A 128 -0.21 -4.49 -24.42
N GLU A 129 0.67 -4.13 -25.34
CA GLU A 129 1.84 -4.96 -25.64
C GLU A 129 2.65 -5.28 -24.37
N ARG A 130 3.07 -4.22 -23.67
CA ARG A 130 3.83 -4.35 -22.44
C ARG A 130 3.06 -5.02 -21.30
N ILE A 131 1.76 -4.78 -21.19
CA ILE A 131 0.99 -5.42 -20.13
C ILE A 131 1.00 -6.90 -20.45
N GLY A 132 0.87 -7.22 -21.73
CA GLY A 132 0.88 -8.60 -22.15
C GLY A 132 2.19 -9.22 -21.71
N GLU A 133 3.30 -8.55 -22.04
CA GLU A 133 4.62 -9.07 -21.68
C GLU A 133 4.87 -9.26 -20.18
N PHE A 134 4.49 -8.27 -19.38
CA PHE A 134 4.68 -8.38 -17.93
C PHE A 134 3.78 -9.46 -17.35
N GLY A 135 2.52 -9.47 -17.77
CA GLY A 135 1.58 -10.45 -17.27
C GLY A 135 1.88 -11.90 -17.58
N ALA A 136 2.37 -12.17 -18.80
CA ALA A 136 2.70 -13.52 -19.25
C ALA A 136 3.77 -14.17 -18.38
N LYS A 137 4.66 -13.37 -17.82
CA LYS A 137 5.73 -13.86 -16.97
C LYS A 137 5.17 -14.41 -15.65
N ARG A 138 3.88 -14.17 -15.46
CA ARG A 138 3.14 -14.61 -14.28
C ARG A 138 2.41 -15.91 -14.58
N ILE A 139 2.31 -16.24 -15.86
CA ILE A 139 1.63 -17.46 -16.31
C ILE A 139 2.67 -18.57 -16.54
N GLU A 140 2.55 -19.65 -15.77
CA GLU A 140 3.48 -20.77 -15.88
C GLU A 140 3.00 -21.82 -16.85
N ASP A 141 3.93 -22.58 -17.43
CA ASP A 141 3.55 -23.62 -18.36
C ASP A 141 2.61 -24.62 -17.67
N GLY A 142 1.51 -24.97 -18.33
CA GLY A 142 0.57 -25.92 -17.75
C GLY A 142 -0.62 -25.29 -17.04
N ASP A 143 -0.50 -24.00 -16.72
CA ASP A 143 -1.55 -23.24 -16.03
C ASP A 143 -2.90 -23.19 -16.73
N VAL A 144 -3.96 -23.37 -15.94
CA VAL A 144 -5.32 -23.29 -16.43
C VAL A 144 -5.79 -21.92 -15.98
N ILE A 145 -6.04 -21.04 -16.92
CA ILE A 145 -6.45 -19.72 -16.55
C ILE A 145 -7.94 -19.54 -16.75
N MET A 146 -8.59 -18.88 -15.80
CA MET A 146 -10.01 -18.61 -15.93
C MET A 146 -10.13 -17.10 -16.13
N THR A 147 -11.05 -16.69 -16.99
CA THR A 147 -11.26 -15.27 -17.27
C THR A 147 -12.75 -14.96 -17.24
N HIS A 148 -13.09 -13.70 -17.47
CA HIS A 148 -14.48 -13.28 -17.47
C HIS A 148 -14.61 -12.17 -18.48
N SER A 149 -15.84 -11.95 -18.93
CA SER A 149 -16.12 -10.92 -19.91
C SER A 149 -15.15 -11.03 -21.07
N HIS A 150 -14.89 -9.89 -21.70
CA HIS A 150 -13.98 -9.81 -22.83
C HIS A 150 -13.13 -8.57 -22.62
N SER A 151 -11.85 -8.80 -22.38
CA SER A 151 -10.91 -7.72 -22.11
C SER A 151 -9.62 -7.86 -22.90
N LYS A 152 -9.29 -6.85 -23.72
CA LYS A 152 -8.07 -6.88 -24.52
C LYS A 152 -6.80 -7.00 -23.66
N ALA A 153 -6.85 -6.46 -22.45
CA ALA A 153 -5.73 -6.52 -21.52
C ALA A 153 -5.56 -7.96 -21.03
N ALA A 154 -6.67 -8.60 -20.71
CA ALA A 154 -6.67 -9.98 -20.23
C ALA A 154 -6.20 -10.90 -21.36
N ILE A 155 -6.83 -10.78 -22.51
CA ILE A 155 -6.50 -11.57 -23.70
C ILE A 155 -5.02 -11.40 -24.09
N SER A 156 -4.54 -10.17 -24.03
CA SER A 156 -3.15 -9.90 -24.36
C SER A 156 -2.19 -10.69 -23.46
N VAL A 157 -2.46 -10.75 -22.15
CA VAL A 157 -1.60 -11.48 -21.22
C VAL A 157 -1.57 -12.98 -21.51
N MET A 158 -2.73 -13.54 -21.83
CA MET A 158 -2.87 -14.97 -22.13
C MET A 158 -2.32 -15.29 -23.51
N LYS A 159 -2.64 -14.44 -24.47
CA LYS A 159 -2.19 -14.61 -25.83
C LYS A 159 -0.67 -14.55 -25.90
N THR A 160 -0.08 -13.69 -25.08
CA THR A 160 1.36 -13.56 -25.04
C THR A 160 1.96 -14.80 -24.43
N ALA A 161 1.36 -15.26 -23.35
CA ALA A 161 1.83 -16.45 -22.66
C ALA A 161 1.93 -17.63 -23.63
N TRP A 162 0.83 -17.90 -24.32
CA TRP A 162 0.72 -19.00 -25.27
C TRP A 162 1.76 -18.90 -26.39
N GLU A 163 2.05 -17.69 -26.84
CA GLU A 163 3.03 -17.54 -27.90
C GLU A 163 4.45 -17.63 -27.38
N GLN A 164 4.60 -17.70 -26.06
CA GLN A 164 5.93 -17.80 -25.46
C GLN A 164 6.29 -19.27 -25.39
N GLY A 165 5.31 -20.11 -25.68
CA GLY A 165 5.55 -21.54 -25.64
C GLY A 165 4.74 -22.19 -24.53
N LYS A 166 4.29 -21.37 -23.58
CA LYS A 166 3.50 -21.86 -22.44
C LYS A 166 2.18 -22.53 -22.85
N ASP A 167 2.08 -23.82 -22.57
CA ASP A 167 0.88 -24.55 -22.89
C ASP A 167 -0.16 -24.24 -21.81
N ILE A 168 -1.18 -23.48 -22.18
CA ILE A 168 -2.22 -23.12 -21.23
C ILE A 168 -3.56 -23.60 -21.75
N LYS A 169 -4.61 -23.38 -20.96
CA LYS A 169 -5.97 -23.79 -21.31
C LYS A 169 -6.85 -22.80 -20.55
N VAL A 170 -7.62 -22.00 -21.27
CA VAL A 170 -8.45 -20.97 -20.65
C VAL A 170 -9.93 -21.28 -20.47
N ILE A 171 -10.43 -21.08 -19.25
CA ILE A 171 -11.83 -21.29 -18.97
C ILE A 171 -12.47 -19.95 -19.17
N VAL A 172 -13.35 -19.85 -20.17
CA VAL A 172 -14.03 -18.59 -20.44
C VAL A 172 -15.45 -18.59 -19.90
N THR A 173 -15.79 -17.57 -19.11
CA THR A 173 -17.14 -17.49 -18.58
C THR A 173 -18.03 -16.70 -19.54
N GLU A 174 -19.22 -17.24 -19.81
CA GLU A 174 -20.21 -16.65 -20.71
C GLU A 174 -20.36 -15.15 -20.55
N THR A 175 -20.56 -14.72 -19.31
CA THR A 175 -20.71 -13.31 -19.01
C THR A 175 -21.99 -12.73 -19.60
N ARG A 176 -23.12 -13.02 -18.96
CA ARG A 176 -24.38 -12.46 -19.42
C ARG A 176 -24.43 -11.04 -18.88
N PRO A 177 -25.38 -10.23 -19.38
CA PRO A 177 -26.38 -10.62 -20.38
C PRO A 177 -25.90 -10.59 -21.85
N LYS A 178 -24.80 -9.90 -22.12
CA LYS A 178 -24.33 -9.78 -23.49
C LYS A 178 -23.50 -10.89 -24.13
N TRP A 179 -23.44 -12.07 -23.52
CA TRP A 179 -22.70 -13.20 -24.09
C TRP A 179 -21.26 -12.85 -24.48
N GLN A 180 -20.72 -11.83 -23.85
CA GLN A 180 -19.36 -11.38 -24.13
C GLN A 180 -18.31 -12.48 -24.07
N GLY A 181 -18.64 -13.58 -23.40
CA GLY A 181 -17.70 -14.68 -23.30
C GLY A 181 -17.43 -15.30 -24.64
N LYS A 182 -18.43 -15.26 -25.53
CA LYS A 182 -18.31 -15.81 -26.87
C LYS A 182 -17.26 -15.06 -27.67
N ILE A 183 -17.16 -13.76 -27.44
CA ILE A 183 -16.17 -12.93 -28.12
C ILE A 183 -14.77 -13.37 -27.66
N THR A 184 -14.67 -13.79 -26.40
CA THR A 184 -13.41 -14.23 -25.80
C THR A 184 -13.02 -15.64 -26.24
N ALA A 185 -13.95 -16.58 -26.13
CA ALA A 185 -13.67 -17.97 -26.52
C ALA A 185 -13.20 -18.06 -27.96
N LYS A 186 -13.94 -17.43 -28.87
CA LYS A 186 -13.60 -17.45 -30.28
C LYS A 186 -12.21 -16.88 -30.53
N GLU A 187 -11.97 -15.65 -30.05
CA GLU A 187 -10.67 -15.03 -30.22
C GLU A 187 -9.54 -15.91 -29.67
N LEU A 188 -9.61 -16.30 -28.41
CA LEU A 188 -8.55 -17.14 -27.85
C LEU A 188 -8.40 -18.41 -28.67
N ALA A 189 -9.50 -18.88 -29.24
CA ALA A 189 -9.50 -20.09 -30.05
C ALA A 189 -8.76 -19.84 -31.35
N SER A 190 -8.92 -18.64 -31.89
CA SER A 190 -8.23 -18.30 -33.12
C SER A 190 -6.73 -18.48 -32.93
N TYR A 191 -6.22 -18.00 -31.80
CA TYR A 191 -4.78 -18.11 -31.52
C TYR A 191 -4.31 -19.54 -31.24
N GLY A 192 -5.21 -20.51 -31.33
CA GLY A 192 -4.84 -21.89 -31.08
C GLY A 192 -4.88 -22.28 -29.62
N ILE A 193 -5.33 -21.36 -28.78
CA ILE A 193 -5.45 -21.61 -27.36
C ILE A 193 -6.68 -22.46 -27.05
N PRO A 194 -6.50 -23.60 -26.36
CA PRO A 194 -7.67 -24.45 -26.02
C PRO A 194 -8.57 -23.70 -25.02
N VAL A 195 -9.88 -23.85 -25.16
CA VAL A 195 -10.82 -23.15 -24.30
C VAL A 195 -11.90 -24.04 -23.72
N ILE A 196 -12.36 -23.67 -22.53
CA ILE A 196 -13.46 -24.37 -21.88
C ILE A 196 -14.48 -23.30 -21.60
N TYR A 197 -15.60 -23.38 -22.29
CA TYR A 197 -16.68 -22.43 -22.12
C TYR A 197 -17.62 -22.93 -21.04
N VAL A 198 -17.97 -22.05 -20.10
CA VAL A 198 -18.87 -22.43 -19.02
C VAL A 198 -19.74 -21.24 -18.63
N VAL A 199 -20.90 -21.55 -18.04
CA VAL A 199 -21.86 -20.55 -17.58
C VAL A 199 -21.36 -19.81 -16.33
N ASP A 200 -21.58 -18.51 -16.27
CA ASP A 200 -21.16 -17.67 -15.14
C ASP A 200 -21.26 -18.42 -13.81
N SER A 201 -22.45 -18.97 -13.56
CA SER A 201 -22.75 -19.73 -12.35
C SER A 201 -21.71 -20.79 -11.98
N ALA A 202 -21.08 -21.40 -12.98
CA ALA A 202 -20.09 -22.45 -12.77
C ALA A 202 -18.75 -21.99 -12.23
N ALA A 203 -18.58 -20.68 -12.05
CA ALA A 203 -17.33 -20.12 -11.55
C ALA A 203 -16.74 -20.86 -10.35
N ARG A 204 -17.56 -21.11 -9.33
CA ARG A 204 -17.04 -21.80 -8.16
C ARG A 204 -16.82 -23.29 -8.39
N HIS A 205 -17.63 -23.89 -9.24
CA HIS A 205 -17.49 -25.33 -9.51
C HIS A 205 -16.17 -25.70 -10.17
N TYR A 206 -15.65 -24.80 -11.02
CA TYR A 206 -14.41 -25.04 -11.73
C TYR A 206 -13.22 -24.24 -11.19
N MET A 207 -13.41 -23.60 -10.06
CA MET A 207 -12.33 -22.81 -9.49
C MET A 207 -11.30 -23.74 -8.88
N LYS A 208 -11.73 -24.96 -8.57
CA LYS A 208 -10.83 -25.93 -7.98
C LYS A 208 -9.76 -26.38 -8.96
N MET A 209 -10.05 -26.30 -10.26
CA MET A 209 -9.08 -26.72 -11.26
C MET A 209 -8.36 -25.54 -11.94
N THR A 210 -8.67 -24.32 -11.51
CA THR A 210 -8.07 -23.11 -12.06
C THR A 210 -6.76 -22.76 -11.35
N ASP A 211 -5.77 -22.31 -12.11
CA ASP A 211 -4.47 -21.94 -11.53
C ASP A 211 -4.35 -20.43 -11.35
N LYS A 212 -4.77 -19.68 -12.35
CA LYS A 212 -4.73 -18.22 -12.32
C LYS A 212 -6.03 -17.67 -12.91
N VAL A 213 -6.42 -16.48 -12.45
CA VAL A 213 -7.60 -15.79 -12.95
C VAL A 213 -7.12 -14.44 -13.45
N VAL A 214 -7.37 -14.16 -14.73
CA VAL A 214 -6.95 -12.91 -15.32
C VAL A 214 -8.15 -12.21 -15.91
N MET A 215 -8.39 -10.98 -15.50
CA MET A 215 -9.52 -10.22 -16.00
C MET A 215 -9.14 -8.76 -16.20
N GLY A 216 -9.90 -8.05 -17.02
CA GLY A 216 -9.61 -6.64 -17.26
C GLY A 216 -10.20 -5.71 -16.20
N ALA A 217 -10.35 -4.45 -16.54
CA ALA A 217 -10.92 -3.48 -15.63
C ALA A 217 -11.48 -2.29 -16.40
N ASP A 218 -12.47 -1.61 -15.85
CA ASP A 218 -13.05 -0.44 -16.51
C ASP A 218 -12.68 0.85 -15.75
N SER A 219 -12.39 0.69 -14.47
CA SER A 219 -12.01 1.79 -13.58
C SER A 219 -11.39 1.16 -12.33
N ILE A 220 -10.33 1.77 -11.83
CA ILE A 220 -9.69 1.28 -10.63
C ILE A 220 -9.57 2.44 -9.66
N THR A 221 -10.02 2.23 -8.43
CA THR A 221 -9.99 3.30 -7.42
C THR A 221 -8.66 3.43 -6.70
N VAL A 222 -8.49 4.54 -5.98
CA VAL A 222 -7.27 4.84 -5.25
C VAL A 222 -6.95 3.80 -4.18
N ASN A 223 -7.97 3.23 -3.55
CA ASN A 223 -7.73 2.24 -2.54
C ASN A 223 -7.52 0.89 -3.19
N GLY A 224 -7.67 0.85 -4.52
CA GLY A 224 -7.43 -0.37 -5.26
C GLY A 224 -8.64 -1.20 -5.62
N ALA A 225 -9.82 -0.62 -5.51
CA ALA A 225 -11.02 -1.36 -5.86
C ALA A 225 -11.16 -1.41 -7.38
N VAL A 226 -11.53 -2.58 -7.88
CA VAL A 226 -11.68 -2.81 -9.31
C VAL A 226 -13.12 -2.86 -9.81
N ILE A 227 -13.47 -1.93 -10.69
CA ILE A 227 -14.81 -1.91 -11.26
C ILE A 227 -14.67 -2.60 -12.63
N ASN A 228 -15.31 -3.76 -12.76
CA ASN A 228 -15.24 -4.55 -13.98
C ASN A 228 -16.61 -5.16 -14.27
N LYS A 229 -16.75 -5.76 -15.45
CA LYS A 229 -18.02 -6.35 -15.87
C LYS A 229 -18.74 -7.09 -14.77
N ILE A 230 -20.07 -7.00 -14.79
CA ILE A 230 -20.90 -7.65 -13.78
C ILE A 230 -20.43 -9.09 -13.62
N GLY A 231 -20.44 -9.58 -12.38
CA GLY A 231 -20.03 -10.94 -12.09
C GLY A 231 -18.55 -11.14 -11.79
N THR A 232 -17.77 -10.07 -11.92
CA THR A 232 -16.32 -10.10 -11.68
C THR A 232 -16.04 -10.29 -10.18
N ALA A 233 -16.71 -9.50 -9.35
CA ALA A 233 -16.51 -9.58 -7.92
C ALA A 233 -16.84 -10.97 -7.40
N LEU A 234 -17.71 -11.68 -8.09
CA LEU A 234 -18.08 -13.02 -7.66
C LEU A 234 -16.91 -13.98 -7.88
N ILE A 235 -16.30 -13.89 -9.05
CA ILE A 235 -15.19 -14.74 -9.39
C ILE A 235 -14.03 -14.44 -8.45
N ALA A 236 -13.75 -13.16 -8.23
CA ALA A 236 -12.68 -12.75 -7.35
C ALA A 236 -12.88 -13.36 -5.96
N LEU A 237 -14.11 -13.28 -5.46
CA LEU A 237 -14.46 -13.81 -4.15
C LEU A 237 -14.12 -15.28 -3.99
N THR A 238 -14.59 -16.10 -4.92
CA THR A 238 -14.35 -17.54 -4.84
C THR A 238 -12.89 -17.92 -5.10
N ALA A 239 -12.17 -17.07 -5.84
CA ALA A 239 -10.76 -17.32 -6.13
C ALA A 239 -9.93 -17.19 -4.85
N LYS A 240 -10.24 -16.17 -4.05
CA LYS A 240 -9.53 -15.95 -2.79
C LYS A 240 -9.80 -17.14 -1.91
N GLU A 241 -11.02 -17.67 -2.01
CA GLU A 241 -11.45 -18.82 -1.24
C GLU A 241 -10.55 -20.03 -1.47
N HIS A 242 -10.18 -20.28 -2.72
CA HIS A 242 -9.33 -21.42 -3.06
C HIS A 242 -7.87 -21.01 -3.24
N ARG A 243 -7.55 -19.80 -2.78
CA ARG A 243 -6.20 -19.25 -2.87
C ARG A 243 -5.61 -19.26 -4.28
N VAL A 244 -6.40 -18.80 -5.25
CA VAL A 244 -5.97 -18.73 -6.65
C VAL A 244 -5.69 -17.25 -6.95
N TRP A 245 -4.50 -16.94 -7.47
CA TRP A 245 -4.17 -15.55 -7.78
C TRP A 245 -5.19 -14.91 -8.67
N THR A 246 -5.53 -13.67 -8.36
CA THR A 246 -6.46 -12.90 -9.17
C THR A 246 -5.63 -11.75 -9.72
N MET A 247 -5.47 -11.71 -11.04
CA MET A 247 -4.67 -10.66 -11.66
C MET A 247 -5.51 -9.80 -12.57
N ILE A 248 -5.61 -8.51 -12.25
CA ILE A 248 -6.37 -7.59 -13.10
C ILE A 248 -5.37 -6.89 -14.04
N ALA A 249 -5.61 -6.96 -15.35
CA ALA A 249 -4.73 -6.31 -16.33
C ALA A 249 -5.36 -5.01 -16.79
N ALA A 250 -4.69 -3.87 -16.51
CA ALA A 250 -5.24 -2.57 -16.90
C ALA A 250 -4.20 -1.47 -17.14
N GLU A 251 -4.38 -0.68 -18.19
CA GLU A 251 -3.45 0.40 -18.51
C GLU A 251 -3.65 1.49 -17.46
N THR A 252 -2.65 2.34 -17.28
CA THR A 252 -2.74 3.41 -16.30
C THR A 252 -4.00 4.28 -16.47
N TYR A 253 -4.48 4.43 -17.70
CA TYR A 253 -5.67 5.25 -17.90
C TYR A 253 -6.93 4.55 -17.45
N LYS A 254 -6.80 3.48 -16.67
CA LYS A 254 -7.98 2.80 -16.18
C LYS A 254 -8.21 3.28 -14.76
N PHE A 255 -7.17 3.84 -14.16
CA PHE A 255 -7.28 4.34 -12.79
C PHE A 255 -8.07 5.63 -12.71
N HIS A 256 -8.98 5.68 -11.75
CA HIS A 256 -9.86 6.83 -11.55
C HIS A 256 -9.21 7.93 -10.72
N PRO A 257 -9.07 9.15 -11.28
CA PRO A 257 -8.46 10.19 -10.46
C PRO A 257 -9.39 10.83 -9.40
N GLU A 258 -10.60 11.21 -9.74
CA GLU A 258 -11.52 11.83 -8.75
C GLU A 258 -11.82 10.90 -7.59
N THR A 259 -11.49 9.62 -7.74
CA THR A 259 -11.75 8.63 -6.72
C THR A 259 -10.89 8.95 -5.49
N MET A 260 -9.91 9.82 -5.70
CA MET A 260 -9.04 10.24 -4.63
C MET A 260 -9.66 11.39 -3.84
N LEU A 261 -10.47 12.20 -4.52
CA LEU A 261 -11.11 13.30 -3.81
C LEU A 261 -12.39 12.79 -3.16
N GLY A 262 -12.51 11.46 -3.09
CA GLY A 262 -13.67 10.86 -2.46
C GLY A 262 -14.85 10.48 -3.31
N GLN A 263 -14.80 10.79 -4.59
CA GLN A 263 -15.91 10.46 -5.48
C GLN A 263 -16.11 8.96 -5.57
N LEU A 264 -17.32 8.56 -5.94
CA LEU A 264 -17.65 7.16 -6.08
C LEU A 264 -17.89 6.85 -7.56
N VAL A 265 -17.45 5.67 -7.99
CA VAL A 265 -17.63 5.26 -9.38
C VAL A 265 -19.09 4.91 -9.61
N GLU A 266 -19.72 5.57 -10.57
CA GLU A 266 -21.13 5.29 -10.88
C GLU A 266 -21.23 3.95 -11.62
N ILE A 267 -22.18 3.11 -11.26
CA ILE A 267 -22.31 1.85 -11.97
C ILE A 267 -23.49 1.94 -12.91
N GLU A 268 -23.17 1.95 -14.20
CA GLU A 268 -24.16 2.06 -15.24
C GLU A 268 -25.31 1.07 -15.11
N MET A 269 -26.51 1.53 -15.43
CA MET A 269 -27.69 0.68 -15.37
C MET A 269 -28.30 0.62 -16.76
N ARG A 270 -27.89 -0.38 -17.54
CA ARG A 270 -28.38 -0.56 -18.89
C ARG A 270 -29.79 -1.13 -19.01
N ASP A 271 -30.43 -0.77 -20.11
CA ASP A 271 -31.81 -1.18 -20.42
C ASP A 271 -32.14 -2.64 -20.22
N PRO A 272 -33.26 -2.92 -19.54
CA PRO A 272 -33.72 -4.28 -19.26
C PRO A 272 -33.86 -5.22 -20.46
N THR A 273 -34.25 -4.69 -21.62
CA THR A 273 -34.44 -5.51 -22.83
C THR A 273 -33.15 -6.15 -23.33
N GLU A 274 -32.05 -5.89 -22.63
CA GLU A 274 -30.74 -6.44 -22.97
C GLU A 274 -30.61 -7.79 -22.27
N VAL A 275 -31.47 -8.01 -21.28
CA VAL A 275 -31.51 -9.25 -20.52
C VAL A 275 -32.67 -10.07 -21.08
N ILE A 276 -33.83 -9.43 -21.20
CA ILE A 276 -35.01 -10.09 -21.74
C ILE A 276 -35.48 -9.34 -23.00
N PRO A 277 -35.46 -10.02 -24.16
CA PRO A 277 -35.89 -9.41 -25.44
C PRO A 277 -37.29 -8.83 -25.28
N GLU A 278 -37.44 -7.54 -25.56
CA GLU A 278 -38.73 -6.86 -25.45
C GLU A 278 -39.92 -7.66 -26.01
N ASP A 279 -39.71 -8.40 -27.10
CA ASP A 279 -40.76 -9.21 -27.70
C ASP A 279 -41.41 -10.03 -26.61
N GLU A 280 -40.56 -10.52 -25.70
CA GLU A 280 -41.00 -11.33 -24.58
C GLU A 280 -41.32 -10.46 -23.37
N LEU A 281 -40.42 -9.55 -23.04
CA LEU A 281 -40.61 -8.69 -21.88
C LEU A 281 -42.03 -8.10 -21.80
N LYS A 282 -42.68 -7.88 -22.94
CA LYS A 282 -44.04 -7.34 -22.93
C LYS A 282 -45.01 -8.35 -22.31
N THR A 283 -44.72 -9.64 -22.50
CA THR A 283 -45.55 -10.73 -21.97
C THR A 283 -45.58 -10.72 -20.45
N TRP A 284 -44.46 -10.35 -19.85
CA TRP A 284 -44.31 -10.32 -18.38
C TRP A 284 -45.18 -9.36 -17.59
N PRO A 285 -45.64 -9.81 -16.40
CA PRO A 285 -46.50 -9.03 -15.50
C PRO A 285 -45.83 -7.72 -15.09
N LYS A 286 -46.63 -6.79 -14.59
CA LYS A 286 -46.12 -5.50 -14.17
C LYS A 286 -45.24 -5.59 -12.92
N ASN A 287 -45.51 -6.56 -12.06
CA ASN A 287 -44.70 -6.67 -10.86
C ASN A 287 -43.38 -7.41 -11.02
N ILE A 288 -43.01 -7.77 -12.24
CA ILE A 288 -41.70 -8.39 -12.43
C ILE A 288 -40.88 -7.27 -13.04
N GLU A 289 -39.78 -6.92 -12.39
CA GLU A 289 -38.90 -5.83 -12.87
C GLU A 289 -37.53 -6.41 -13.15
N VAL A 290 -36.92 -6.02 -14.26
CA VAL A 290 -35.59 -6.49 -14.62
C VAL A 290 -34.56 -5.41 -14.40
N TRP A 291 -33.57 -5.71 -13.57
CA TRP A 291 -32.47 -4.79 -13.25
C TRP A 291 -31.21 -5.30 -13.92
N ASN A 292 -30.56 -4.41 -14.67
CA ASN A 292 -29.35 -4.78 -15.39
C ASN A 292 -28.09 -3.99 -15.03
N PRO A 293 -27.39 -4.38 -13.95
CA PRO A 293 -26.17 -3.69 -13.55
C PRO A 293 -25.15 -4.04 -14.60
N ALA A 294 -24.37 -3.08 -15.07
CA ALA A 294 -23.38 -3.42 -16.09
C ALA A 294 -22.07 -3.87 -15.47
N PHE A 295 -21.86 -3.52 -14.22
CA PHE A 295 -20.61 -3.88 -13.55
C PHE A 295 -20.89 -4.15 -12.08
N ASP A 296 -19.83 -4.41 -11.33
CA ASP A 296 -19.91 -4.63 -9.89
C ASP A 296 -18.56 -4.21 -9.32
N VAL A 297 -18.44 -4.20 -7.99
CA VAL A 297 -17.18 -3.79 -7.38
C VAL A 297 -16.41 -4.88 -6.66
N THR A 298 -15.18 -5.10 -7.09
CA THR A 298 -14.31 -6.12 -6.50
C THR A 298 -13.38 -5.43 -5.51
N PRO A 299 -13.45 -5.82 -4.23
CA PRO A 299 -12.60 -5.24 -3.19
C PRO A 299 -11.12 -5.50 -3.44
N PRO A 300 -10.26 -4.61 -2.95
CA PRO A 300 -8.81 -4.74 -3.10
C PRO A 300 -8.25 -6.02 -2.52
N GLU A 301 -8.88 -6.52 -1.45
CA GLU A 301 -8.41 -7.75 -0.81
C GLU A 301 -8.61 -9.00 -1.67
N TYR A 302 -9.37 -8.89 -2.74
CA TYR A 302 -9.58 -10.05 -3.60
C TYR A 302 -8.72 -9.91 -4.84
N VAL A 303 -7.97 -8.82 -4.91
CA VAL A 303 -7.07 -8.60 -6.03
C VAL A 303 -5.62 -8.74 -5.54
N ASP A 304 -4.91 -9.72 -6.08
CA ASP A 304 -3.52 -9.94 -5.68
C ASP A 304 -2.57 -8.98 -6.36
N VAL A 305 -2.77 -8.72 -7.65
CA VAL A 305 -1.90 -7.82 -8.37
C VAL A 305 -2.60 -7.19 -9.57
N ILE A 306 -2.12 -6.03 -9.99
CA ILE A 306 -2.67 -5.34 -11.14
C ILE A 306 -1.56 -5.21 -12.17
N ILE A 307 -1.81 -5.63 -13.40
CA ILE A 307 -0.78 -5.55 -14.44
C ILE A 307 -0.97 -4.31 -15.29
N THR A 308 -0.06 -3.37 -15.16
CA THR A 308 -0.10 -2.10 -15.91
C THR A 308 1.12 -1.99 -16.83
N GLU A 309 1.12 -1.02 -17.74
CA GLU A 309 2.25 -0.85 -18.66
C GLU A 309 3.42 -0.21 -17.94
N ARG A 310 3.31 -0.13 -16.61
CA ARG A 310 4.34 0.43 -15.74
C ARG A 310 4.86 -0.65 -14.78
N GLY A 311 4.38 -1.87 -14.95
CA GLY A 311 4.79 -2.96 -14.09
C GLY A 311 3.63 -3.57 -13.31
N ILE A 312 3.95 -4.53 -12.44
CA ILE A 312 2.97 -5.20 -11.60
C ILE A 312 2.92 -4.45 -10.28
N ILE A 313 1.73 -4.23 -9.74
CA ILE A 313 1.60 -3.51 -8.48
C ILE A 313 0.51 -4.08 -7.59
N PRO A 314 0.68 -3.96 -6.28
CA PRO A 314 -0.33 -4.48 -5.34
C PRO A 314 -1.51 -3.50 -5.45
N PRO A 315 -2.74 -4.00 -5.42
CA PRO A 315 -3.93 -3.13 -5.53
C PRO A 315 -3.91 -1.84 -4.73
N TYR A 316 -3.19 -1.82 -3.62
CA TYR A 316 -3.11 -0.64 -2.75
C TYR A 316 -2.12 0.44 -3.24
N ALA A 317 -1.46 0.15 -4.35
CA ALA A 317 -0.49 1.06 -4.95
C ALA A 317 -1.16 1.84 -6.10
N ALA A 318 -2.47 1.69 -6.20
CA ALA A 318 -3.19 2.40 -7.24
C ALA A 318 -2.97 3.89 -7.00
N ILE A 319 -2.78 4.27 -5.73
CA ILE A 319 -2.56 5.67 -5.39
C ILE A 319 -1.24 6.15 -5.96
N ASP A 320 -0.28 5.25 -6.11
CA ASP A 320 1.00 5.65 -6.68
C ASP A 320 0.78 5.99 -8.16
N ILE A 321 0.09 5.12 -8.87
CA ILE A 321 -0.20 5.36 -10.27
C ILE A 321 -1.03 6.65 -10.42
N LEU A 322 -2.00 6.86 -9.54
CA LEU A 322 -2.78 8.07 -9.68
C LEU A 322 -1.91 9.32 -9.54
N ARG A 323 -1.25 9.48 -8.40
CA ARG A 323 -0.41 10.65 -8.18
C ARG A 323 0.60 10.88 -9.32
N GLU A 324 1.14 9.79 -9.86
CA GLU A 324 2.12 9.85 -10.95
C GLU A 324 1.61 10.26 -12.33
N GLU A 325 0.44 9.81 -12.73
CA GLU A 325 -0.07 10.17 -14.05
C GLU A 325 -1.09 11.30 -14.04
N PHE A 326 -1.78 11.50 -12.92
CA PHE A 326 -2.82 12.52 -12.90
C PHE A 326 -2.66 13.62 -11.84
N GLY A 327 -1.41 13.97 -11.53
CA GLY A 327 -1.18 15.01 -10.54
C GLY A 327 -1.82 16.35 -10.90
N TRP A 328 -1.71 16.75 -12.17
CA TRP A 328 -2.26 18.02 -12.66
C TRP A 328 -3.81 18.12 -12.61
N ALA A 329 -4.47 17.27 -13.39
CA ALA A 329 -5.94 17.21 -13.54
C ALA A 329 -6.83 17.69 -12.37
N LEU A 330 -6.59 17.15 -11.16
CA LEU A 330 -7.37 17.46 -9.94
C LEU A 330 -7.75 18.90 -9.56
N LYS A 331 -6.77 19.82 -9.56
CA LYS A 331 -7.02 21.24 -9.22
C LYS A 331 -7.80 21.95 -10.31
N TYR A 332 -7.72 21.44 -11.54
CA TYR A 332 -8.44 22.05 -12.67
C TYR A 332 -9.81 21.37 -12.93
N THR A 333 -10.64 22.04 -13.73
CA THR A 333 -11.96 21.52 -14.06
C THR A 333 -11.78 20.75 -15.39
N GLU A 334 -12.73 19.89 -15.73
CA GLU A 334 -12.63 19.17 -16.98
C GLU A 334 -12.36 20.23 -18.07
N PRO A 335 -11.23 20.11 -18.79
CA PRO A 335 -10.87 21.08 -19.85
C PRO A 335 -11.94 21.32 -20.92
N TRP A 336 -12.94 20.44 -21.00
CA TRP A 336 -14.00 20.61 -21.98
C TRP A 336 -15.16 21.40 -21.38
N GLU A 337 -14.95 21.95 -20.19
CA GLU A 337 -15.99 22.74 -19.54
C GLU A 337 -15.57 24.19 -19.59
N ASP A 338 -16.08 24.89 -20.61
CA ASP A 338 -15.81 26.32 -20.86
C ASP A 338 -14.51 26.85 -20.26
N ALA B 18 7.92 29.23 35.23
CA ALA B 18 8.54 30.30 34.37
C ALA B 18 7.65 30.62 33.16
N VAL B 19 6.68 29.75 32.92
CA VAL B 19 5.74 29.85 31.80
C VAL B 19 4.39 30.44 32.23
N VAL B 20 3.70 31.04 31.26
CA VAL B 20 2.40 31.67 31.49
C VAL B 20 1.30 30.82 32.15
N LYS B 21 0.41 31.48 32.89
CA LYS B 21 -0.68 30.81 33.59
C LYS B 21 -1.64 30.15 32.62
N GLU B 22 -2.01 30.88 31.57
CA GLU B 22 -2.95 30.32 30.60
C GLU B 22 -2.39 29.06 29.91
N VAL B 23 -1.08 28.85 30.04
CA VAL B 23 -0.44 27.67 29.46
C VAL B 23 -0.64 26.47 30.40
N LEU B 24 -0.38 26.68 31.69
CA LEU B 24 -0.53 25.63 32.72
C LEU B 24 -2.01 25.25 32.88
N GLU B 25 -2.89 26.22 32.70
CA GLU B 25 -4.30 25.94 32.83
C GLU B 25 -4.85 25.23 31.59
N ILE B 26 -4.26 25.50 30.43
CA ILE B 26 -4.70 24.82 29.22
C ILE B 26 -4.16 23.41 29.31
N ALA B 27 -2.95 23.28 29.82
CA ALA B 27 -2.33 21.97 29.97
C ALA B 27 -3.19 21.14 30.89
N GLU B 28 -3.69 21.78 31.94
CA GLU B 28 -4.51 21.11 32.93
C GLU B 28 -5.81 20.55 32.34
N LYS B 29 -6.49 21.35 31.51
CA LYS B 29 -7.73 20.89 30.91
C LYS B 29 -7.49 19.71 29.95
N ILE B 30 -6.32 19.68 29.32
CA ILE B 30 -6.01 18.58 28.41
C ILE B 30 -5.94 17.30 29.23
N LYS B 31 -5.49 17.41 30.48
CA LYS B 31 -5.38 16.24 31.33
C LYS B 31 -6.72 15.83 31.96
N ASN B 32 -7.56 16.80 32.31
CA ASN B 32 -8.86 16.50 32.91
C ASN B 32 -9.86 16.17 31.82
N MET B 33 -9.42 16.36 30.58
CA MET B 33 -10.24 16.11 29.41
C MET B 33 -11.40 17.09 29.30
N GLU B 34 -11.28 18.24 29.95
CA GLU B 34 -12.32 19.26 29.86
C GLU B 34 -12.21 19.74 28.41
N ILE B 35 -11.01 19.53 27.85
CA ILE B 35 -10.70 19.83 26.47
C ILE B 35 -10.24 18.48 25.93
N ARG B 36 -10.97 17.94 24.97
CA ARG B 36 -10.62 16.65 24.40
C ARG B 36 -10.84 16.66 22.91
N GLY B 37 -10.54 15.52 22.28
CA GLY B 37 -10.63 15.40 20.84
C GLY B 37 -9.21 15.64 20.36
N ALA B 38 -8.67 14.71 19.57
CA ALA B 38 -7.30 14.82 19.07
C ALA B 38 -7.06 16.15 18.38
N GLY B 39 -8.01 16.55 17.55
CA GLY B 39 -7.88 17.79 16.83
C GLY B 39 -7.93 18.98 17.76
N LYS B 40 -9.00 19.08 18.55
CA LYS B 40 -9.14 20.20 19.48
C LYS B 40 -7.96 20.30 20.44
N ILE B 41 -7.44 19.17 20.89
CA ILE B 41 -6.30 19.20 21.80
C ILE B 41 -5.08 19.75 21.10
N ALA B 42 -4.87 19.33 19.85
CA ALA B 42 -3.71 19.79 19.08
C ALA B 42 -3.80 21.30 18.89
N ARG B 43 -4.98 21.77 18.52
CA ARG B 43 -5.21 23.19 18.30
C ARG B 43 -5.09 23.98 19.59
N SER B 44 -5.48 23.36 20.70
CA SER B 44 -5.38 24.03 21.99
C SER B 44 -3.92 24.10 22.37
N ALA B 45 -3.19 23.08 21.96
CA ALA B 45 -1.76 23.01 22.22
C ALA B 45 -1.08 24.16 21.48
N ALA B 46 -1.42 24.30 20.20
CA ALA B 46 -0.87 25.35 19.37
C ALA B 46 -1.19 26.68 19.98
N TYR B 47 -2.44 26.85 20.38
CA TYR B 47 -2.89 28.10 20.95
C TYR B 47 -2.14 28.50 22.21
N ALA B 48 -1.74 27.50 23.01
CA ALA B 48 -1.00 27.74 24.25
C ALA B 48 0.39 28.29 23.95
N LEU B 49 1.05 27.74 22.93
CA LEU B 49 2.38 28.21 22.57
C LEU B 49 2.24 29.63 22.06
N GLN B 50 1.11 29.91 21.42
CA GLN B 50 0.88 31.24 20.90
C GLN B 50 0.70 32.21 22.05
N LEU B 51 -0.01 31.80 23.10
CA LEU B 51 -0.23 32.67 24.23
C LEU B 51 1.09 32.92 24.96
N GLN B 52 1.90 31.87 25.07
CA GLN B 52 3.19 31.96 25.75
C GLN B 52 4.07 32.98 25.03
N ALA B 53 3.92 33.08 23.72
CA ALA B 53 4.70 34.00 22.92
C ALA B 53 4.14 35.41 23.04
N GLU B 54 2.85 35.52 23.24
CA GLU B 54 2.22 36.84 23.35
C GLU B 54 2.37 37.44 24.72
N LYS B 55 2.23 36.61 25.75
CA LYS B 55 2.32 37.09 27.12
C LYS B 55 3.70 36.99 27.75
N SER B 56 4.61 36.29 27.09
CA SER B 56 5.95 36.16 27.64
C SER B 56 6.51 37.53 27.98
N LYS B 57 7.17 37.63 29.13
CA LYS B 57 7.75 38.90 29.53
C LYS B 57 9.26 38.84 29.60
N ALA B 58 9.84 37.90 28.87
CA ALA B 58 11.29 37.72 28.82
C ALA B 58 11.89 38.82 27.95
N THR B 59 12.85 39.54 28.51
CA THR B 59 13.48 40.65 27.82
C THR B 59 14.62 40.23 26.92
N ASN B 60 15.01 38.96 27.00
CA ASN B 60 16.11 38.43 26.20
C ASN B 60 15.64 37.23 25.39
N VAL B 61 16.01 37.17 24.11
CA VAL B 61 15.57 36.07 23.25
C VAL B 61 15.88 34.66 23.80
N ASP B 62 17.13 34.39 24.18
CA ASP B 62 17.48 33.07 24.70
C ASP B 62 16.57 32.69 25.86
N GLU B 63 16.26 33.68 26.68
CA GLU B 63 15.38 33.47 27.81
C GLU B 63 14.02 33.07 27.26
N PHE B 64 13.56 33.85 26.28
CA PHE B 64 12.28 33.61 25.64
C PHE B 64 12.20 32.17 25.11
N TRP B 65 13.19 31.78 24.31
CA TRP B 65 13.22 30.44 23.73
C TRP B 65 13.22 29.41 24.84
N LYS B 66 13.89 29.74 25.95
CA LYS B 66 13.95 28.82 27.08
C LYS B 66 12.53 28.67 27.63
N GLU B 67 11.75 29.75 27.55
CA GLU B 67 10.37 29.74 28.02
C GLU B 67 9.44 28.96 27.10
N MET B 68 9.71 29.01 25.80
CA MET B 68 8.86 28.30 24.87
C MET B 68 9.03 26.79 24.98
N LYS B 69 10.25 26.34 25.21
CA LYS B 69 10.54 24.93 25.35
C LYS B 69 9.94 24.36 26.64
N GLN B 70 9.90 25.14 27.70
CA GLN B 70 9.30 24.62 28.95
C GLN B 70 7.78 24.50 28.78
N ALA B 71 7.19 25.35 27.94
CA ALA B 71 5.75 25.30 27.74
C ALA B 71 5.40 24.17 26.80
N ALA B 72 6.32 23.84 25.90
CA ALA B 72 6.09 22.77 24.95
C ALA B 72 6.33 21.46 25.66
N LYS B 73 7.21 21.47 26.65
CA LYS B 73 7.51 20.26 27.41
C LYS B 73 6.35 19.95 28.36
N ILE B 74 5.66 21.00 28.81
CA ILE B 74 4.50 20.83 29.69
C ILE B 74 3.31 20.27 28.90
N LEU B 75 2.95 20.94 27.82
CA LEU B 75 1.86 20.51 26.96
C LEU B 75 2.06 19.09 26.48
N PHE B 76 3.28 18.78 26.06
CA PHE B 76 3.58 17.45 25.56
C PHE B 76 3.27 16.35 26.58
N GLU B 77 3.52 16.62 27.86
CA GLU B 77 3.31 15.64 28.93
C GLU B 77 1.93 15.60 29.57
N THR B 78 0.91 16.03 28.82
CA THR B 78 -0.45 16.02 29.30
C THR B 78 -1.03 14.64 29.07
N ARG B 79 -1.26 14.29 27.80
CA ARG B 79 -1.81 12.98 27.43
C ARG B 79 -0.88 12.46 26.34
N PRO B 80 -0.50 11.18 26.40
CA PRO B 80 0.39 10.53 25.44
C PRO B 80 -0.09 10.03 24.07
N THR B 81 -1.22 9.33 24.04
CA THR B 81 -1.69 8.73 22.80
C THR B 81 -1.78 9.47 21.48
N ALA B 82 -2.61 10.50 21.39
CA ALA B 82 -2.80 11.27 20.14
C ALA B 82 -1.56 12.05 19.67
N VAL B 83 -1.03 11.69 18.50
CA VAL B 83 0.15 12.37 17.97
C VAL B 83 -0.17 13.77 17.53
N SER B 84 -1.45 14.03 17.28
CA SER B 84 -1.88 15.35 16.85
C SER B 84 -1.23 16.37 17.78
N LEU B 85 -1.25 16.09 19.07
CA LEU B 85 -0.66 17.00 20.06
C LEU B 85 0.83 17.24 19.80
N PRO B 86 1.64 16.17 19.78
CA PRO B 86 3.06 16.44 19.53
C PRO B 86 3.34 17.04 18.15
N ASN B 87 2.51 16.71 17.17
CA ASN B 87 2.71 17.23 15.81
C ASN B 87 2.39 18.72 15.69
N ALA B 88 1.48 19.20 16.53
CA ALA B 88 1.13 20.60 16.54
C ALA B 88 2.27 21.31 17.23
N LEU B 89 2.83 20.68 18.25
CA LEU B 89 3.96 21.23 19.01
C LEU B 89 5.20 21.30 18.11
N ARG B 90 5.44 20.23 17.36
CA ARG B 90 6.56 20.16 16.45
C ARG B 90 6.41 21.23 15.36
N TYR B 91 5.20 21.40 14.86
CA TYR B 91 4.94 22.38 13.82
C TYR B 91 5.36 23.79 14.25
N VAL B 92 4.89 24.20 15.42
CA VAL B 92 5.20 25.51 15.97
C VAL B 92 6.68 25.56 16.40
N MET B 93 7.08 24.69 17.32
CA MET B 93 8.46 24.66 17.80
C MET B 93 9.54 24.48 16.72
N HIS B 94 9.29 23.64 15.72
CA HIS B 94 10.26 23.40 14.67
C HIS B 94 10.62 24.71 13.94
N ARG B 95 9.60 25.52 13.63
CA ARG B 95 9.85 26.80 12.97
C ARG B 95 10.61 27.71 13.91
N GLY B 96 10.24 27.67 15.19
CA GLY B 96 10.92 28.49 16.18
C GLY B 96 12.40 28.15 16.22
N LYS B 97 12.74 26.87 16.28
CA LYS B 97 14.14 26.48 16.31
C LYS B 97 14.89 27.04 15.09
N ILE B 98 14.31 26.84 13.90
CA ILE B 98 14.90 27.34 12.66
C ILE B 98 15.28 28.81 12.80
N ALA B 99 14.30 29.63 13.15
CA ALA B 99 14.51 31.06 13.33
C ALA B 99 15.54 31.32 14.42
N TYR B 100 15.29 30.79 15.62
CA TYR B 100 16.21 30.97 16.75
C TYR B 100 17.65 30.66 16.35
N SER B 101 17.87 29.51 15.71
CA SER B 101 19.21 29.14 15.29
C SER B 101 19.72 30.19 14.31
N SER B 102 18.81 30.75 13.51
CA SER B 102 19.14 31.79 12.53
C SER B 102 19.38 33.13 13.20
N GLY B 103 19.63 33.10 14.52
CA GLY B 103 19.89 34.32 15.25
C GLY B 103 18.71 35.27 15.23
N ALA B 104 17.53 34.74 15.42
CA ALA B 104 16.37 35.60 15.38
C ALA B 104 16.37 36.55 16.56
N ASP B 105 15.72 37.67 16.33
CA ASP B 105 15.53 38.75 17.30
C ASP B 105 14.62 38.19 18.39
N LEU B 106 14.26 39.02 19.37
CA LEU B 106 13.35 38.59 20.42
C LEU B 106 11.97 38.70 19.80
N GLU B 107 11.72 39.86 19.21
CA GLU B 107 10.43 40.10 18.59
C GLU B 107 10.27 39.26 17.33
N GLN B 108 11.37 39.02 16.63
CA GLN B 108 11.33 38.21 15.42
C GLN B 108 10.88 36.80 15.76
N LEU B 109 11.55 36.18 16.73
CA LEU B 109 11.23 34.81 17.15
C LEU B 109 9.78 34.80 17.59
N ARG B 110 9.41 35.77 18.42
CA ARG B 110 8.05 35.87 18.90
C ARG B 110 7.12 35.84 17.69
N PHE B 111 7.45 36.62 16.68
CA PHE B 111 6.64 36.70 15.48
C PHE B 111 6.54 35.35 14.77
N VAL B 112 7.67 34.65 14.65
CA VAL B 112 7.71 33.36 14.00
C VAL B 112 6.76 32.37 14.65
N ILE B 113 6.76 32.38 15.98
CA ILE B 113 5.91 31.49 16.78
C ILE B 113 4.42 31.83 16.73
N ILE B 114 4.08 33.09 16.95
CA ILE B 114 2.68 33.50 16.92
C ILE B 114 2.05 33.19 15.57
N ASN B 115 2.88 33.12 14.52
CA ASN B 115 2.40 32.85 13.16
C ASN B 115 2.34 31.38 12.85
N ALA B 116 3.20 30.60 13.50
CA ALA B 116 3.22 29.16 13.29
C ALA B 116 1.99 28.60 13.99
N ALA B 117 1.64 29.18 15.13
CA ALA B 117 0.48 28.72 15.88
C ALA B 117 -0.78 29.03 15.09
N LYS B 118 -1.00 30.32 14.79
CA LYS B 118 -2.17 30.78 14.03
C LYS B 118 -2.32 29.91 12.78
N GLU B 119 -1.21 29.75 12.07
CA GLU B 119 -1.16 28.97 10.84
C GLU B 119 -1.64 27.54 11.03
N PHE B 120 -1.17 26.88 12.09
CA PHE B 120 -1.58 25.51 12.35
C PHE B 120 -3.06 25.47 12.64
N ILE B 121 -3.47 26.22 13.66
CA ILE B 121 -4.86 26.29 14.05
C ILE B 121 -5.76 26.58 12.85
N HIS B 122 -5.31 27.46 11.97
CA HIS B 122 -6.11 27.78 10.80
C HIS B 122 -6.18 26.63 9.79
N ASN B 123 -5.06 25.91 9.60
CA ASN B 123 -5.02 24.79 8.67
C ASN B 123 -5.84 23.64 9.20
N SER B 124 -5.76 23.44 10.52
CA SER B 124 -6.51 22.39 11.18
C SER B 124 -7.98 22.54 10.84
N GLU B 125 -8.48 23.78 10.95
CA GLU B 125 -9.87 24.08 10.65
C GLU B 125 -10.17 23.84 9.18
N LYS B 126 -9.29 24.27 8.29
CA LYS B 126 -9.51 24.05 6.87
C LYS B 126 -9.44 22.56 6.56
N ALA B 127 -8.61 21.84 7.31
CA ALA B 127 -8.48 20.40 7.11
C ALA B 127 -9.82 19.75 7.42
N LEU B 128 -10.50 20.24 8.46
CA LEU B 128 -11.80 19.68 8.83
C LEU B 128 -12.81 19.85 7.70
N GLU B 129 -12.77 21.03 7.07
CA GLU B 129 -13.66 21.34 5.96
C GLU B 129 -13.45 20.40 4.78
N ARG B 130 -12.20 20.23 4.38
CA ARG B 130 -11.88 19.36 3.26
C ARG B 130 -12.27 17.93 3.57
N ILE B 131 -11.78 17.40 4.68
CA ILE B 131 -12.11 16.02 5.04
C ILE B 131 -13.62 15.87 4.92
N GLY B 132 -14.35 16.94 5.20
CA GLY B 132 -15.78 16.92 5.08
C GLY B 132 -16.29 16.70 3.66
N GLU B 133 -15.86 17.54 2.72
CA GLU B 133 -16.31 17.40 1.33
C GLU B 133 -15.95 16.04 0.79
N PHE B 134 -14.67 15.68 0.91
CA PHE B 134 -14.15 14.41 0.42
C PHE B 134 -14.87 13.19 1.01
N GLY B 135 -15.04 13.18 2.34
CA GLY B 135 -15.72 12.06 2.96
C GLY B 135 -17.18 11.96 2.56
N ALA B 136 -17.85 13.10 2.49
CA ALA B 136 -19.27 13.16 2.15
C ALA B 136 -19.66 12.54 0.81
N LYS B 137 -18.73 12.54 -0.13
CA LYS B 137 -19.01 11.98 -1.45
C LYS B 137 -19.15 10.46 -1.39
N ARG B 138 -18.85 9.90 -0.23
CA ARG B 138 -18.92 8.46 -0.06
C ARG B 138 -20.20 8.04 0.65
N ILE B 139 -20.92 9.03 1.15
CA ILE B 139 -22.19 8.79 1.82
C ILE B 139 -23.28 9.05 0.79
N GLU B 140 -24.10 8.04 0.53
CA GLU B 140 -25.17 8.14 -0.47
C GLU B 140 -26.50 8.41 0.20
N ASP B 141 -27.43 8.99 -0.55
CA ASP B 141 -28.76 9.29 -0.04
C ASP B 141 -29.39 8.00 0.52
N GLY B 142 -30.03 8.10 1.68
CA GLY B 142 -30.66 6.94 2.31
C GLY B 142 -29.75 6.09 3.20
N ASP B 143 -28.50 6.51 3.35
CA ASP B 143 -27.52 5.81 4.15
C ASP B 143 -27.75 5.87 5.67
N VAL B 144 -27.48 4.76 6.34
CA VAL B 144 -27.58 4.65 7.79
C VAL B 144 -26.11 4.53 8.22
N ILE B 145 -25.61 5.56 8.89
CA ILE B 145 -24.24 5.59 9.32
C ILE B 145 -24.07 5.34 10.81
N MET B 146 -23.17 4.44 11.16
CA MET B 146 -22.89 4.16 12.56
C MET B 146 -21.56 4.82 12.91
N THR B 147 -21.48 5.41 14.09
CA THR B 147 -20.25 6.07 14.50
C THR B 147 -19.87 5.64 15.91
N HIS B 148 -18.75 6.15 16.41
CA HIS B 148 -18.30 5.81 17.74
C HIS B 148 -17.63 7.01 18.36
N SER B 149 -17.71 7.12 19.68
CA SER B 149 -17.10 8.23 20.37
C SER B 149 -17.61 9.53 19.77
N HIS B 150 -16.80 10.57 19.89
CA HIS B 150 -17.13 11.88 19.36
C HIS B 150 -15.91 12.39 18.62
N SER B 151 -16.06 12.58 17.30
CA SER B 151 -14.96 13.04 16.47
C SER B 151 -15.41 14.20 15.60
N LYS B 152 -14.72 15.33 15.71
CA LYS B 152 -15.06 16.51 14.90
C LYS B 152 -14.91 16.09 13.45
N ALA B 153 -13.86 15.34 13.18
CA ALA B 153 -13.60 14.88 11.83
C ALA B 153 -14.74 14.02 11.32
N ALA B 154 -15.16 13.05 12.11
CA ALA B 154 -16.25 12.17 11.72
C ALA B 154 -17.52 12.94 11.46
N ILE B 155 -17.84 13.84 12.38
CA ILE B 155 -19.03 14.67 12.27
C ILE B 155 -19.00 15.54 11.02
N SER B 156 -17.81 15.99 10.63
CA SER B 156 -17.70 16.83 9.44
C SER B 156 -18.26 16.07 8.24
N VAL B 157 -17.79 14.84 8.08
CA VAL B 157 -18.23 14.00 6.98
C VAL B 157 -19.76 13.90 6.95
N MET B 158 -20.35 13.67 8.12
CA MET B 158 -21.80 13.53 8.24
C MET B 158 -22.59 14.83 8.09
N LYS B 159 -22.11 15.93 8.68
CA LYS B 159 -22.79 17.22 8.55
C LYS B 159 -22.80 17.64 7.09
N THR B 160 -21.68 17.44 6.42
CA THR B 160 -21.55 17.80 5.02
C THR B 160 -22.53 17.02 4.14
N ALA B 161 -22.60 15.72 4.35
CA ALA B 161 -23.50 14.88 3.57
C ALA B 161 -24.94 15.34 3.78
N TRP B 162 -25.28 15.65 5.03
CA TRP B 162 -26.62 16.08 5.36
C TRP B 162 -26.96 17.36 4.64
N GLU B 163 -25.96 18.22 4.45
CA GLU B 163 -26.18 19.49 3.79
C GLU B 163 -26.09 19.52 2.27
N GLN B 164 -25.98 18.36 1.63
CA GLN B 164 -25.94 18.27 0.18
C GLN B 164 -27.31 17.71 -0.18
N GLY B 165 -28.18 17.63 0.81
CA GLY B 165 -29.51 17.09 0.59
C GLY B 165 -29.65 15.60 0.87
N LYS B 166 -28.52 14.94 1.14
CA LYS B 166 -28.53 13.51 1.43
C LYS B 166 -29.23 13.14 2.73
N ASP B 167 -30.39 12.51 2.61
CA ASP B 167 -31.19 12.08 3.74
C ASP B 167 -30.53 10.87 4.40
N ILE B 168 -29.94 11.08 5.58
CA ILE B 168 -29.26 10.01 6.30
C ILE B 168 -29.67 9.89 7.75
N LYS B 169 -29.26 8.79 8.37
CA LYS B 169 -29.55 8.53 9.77
C LYS B 169 -28.25 8.03 10.40
N VAL B 170 -27.95 8.56 11.58
CA VAL B 170 -26.72 8.18 12.26
C VAL B 170 -26.99 7.41 13.52
N ILE B 171 -26.34 6.26 13.66
CA ILE B 171 -26.48 5.45 14.85
C ILE B 171 -25.28 5.83 15.70
N VAL B 172 -25.57 6.46 16.85
CA VAL B 172 -24.52 6.89 17.76
C VAL B 172 -24.37 5.89 18.90
N THR B 173 -23.15 5.39 19.10
CA THR B 173 -22.92 4.45 20.19
C THR B 173 -22.49 5.23 21.43
N GLU B 174 -23.08 4.87 22.56
CA GLU B 174 -22.83 5.50 23.86
C GLU B 174 -21.40 5.90 24.15
N THR B 175 -20.47 5.02 23.85
CA THR B 175 -19.07 5.30 24.09
C THR B 175 -18.80 5.57 25.56
N ARG B 176 -18.59 4.51 26.33
CA ARG B 176 -18.27 4.64 27.72
C ARG B 176 -16.76 4.72 27.75
N PRO B 177 -16.19 5.07 28.90
CA PRO B 177 -16.94 5.36 30.13
C PRO B 177 -17.35 6.82 30.24
N LYS B 178 -16.83 7.66 29.35
CA LYS B 178 -17.11 9.08 29.41
C LYS B 178 -18.35 9.62 28.70
N TRP B 179 -19.21 8.71 28.23
CA TRP B 179 -20.46 9.08 27.57
C TRP B 179 -20.28 10.04 26.40
N GLN B 180 -19.21 9.85 25.64
CA GLN B 180 -18.93 10.72 24.50
C GLN B 180 -20.01 10.66 23.43
N GLY B 181 -20.79 9.58 23.45
CA GLY B 181 -21.87 9.43 22.49
C GLY B 181 -22.98 10.43 22.70
N LYS B 182 -23.18 10.86 23.94
CA LYS B 182 -24.21 11.85 24.25
C LYS B 182 -23.84 13.15 23.54
N ILE B 183 -22.53 13.39 23.43
CA ILE B 183 -22.04 14.60 22.75
C ILE B 183 -22.41 14.52 21.28
N THR B 184 -21.96 13.48 20.59
CA THR B 184 -22.22 13.32 19.18
C THR B 184 -23.72 13.39 18.87
N ALA B 185 -24.53 12.71 19.68
CA ALA B 185 -25.98 12.71 19.46
C ALA B 185 -26.58 14.12 19.56
N LYS B 186 -26.27 14.81 20.65
CA LYS B 186 -26.79 16.16 20.86
C LYS B 186 -26.34 17.06 19.73
N GLU B 187 -25.07 16.94 19.36
CA GLU B 187 -24.51 17.74 18.29
C GLU B 187 -25.07 17.44 16.89
N LEU B 188 -25.09 16.17 16.50
CA LEU B 188 -25.62 15.81 15.19
C LEU B 188 -27.10 16.16 15.04
N ALA B 189 -27.83 16.04 16.15
CA ALA B 189 -29.26 16.34 16.17
C ALA B 189 -29.54 17.80 15.86
N SER B 190 -28.75 18.68 16.45
CA SER B 190 -28.91 20.12 16.25
C SER B 190 -28.85 20.52 14.78
N TYR B 191 -28.20 19.69 13.96
CA TYR B 191 -28.12 19.99 12.54
C TYR B 191 -29.33 19.38 11.86
N GLY B 192 -30.21 18.78 12.66
CA GLY B 192 -31.42 18.18 12.13
C GLY B 192 -31.36 16.67 11.91
N ILE B 193 -30.17 16.19 11.60
CA ILE B 193 -29.93 14.77 11.37
C ILE B 193 -30.63 13.89 12.41
N PRO B 194 -31.35 12.83 11.96
CA PRO B 194 -32.05 11.90 12.86
C PRO B 194 -31.01 11.03 13.54
N VAL B 195 -31.17 10.77 14.83
CA VAL B 195 -30.19 9.97 15.53
C VAL B 195 -30.75 8.79 16.30
N ILE B 196 -30.05 7.66 16.19
CA ILE B 196 -30.40 6.43 16.90
C ILE B 196 -29.26 6.24 17.90
N TYR B 197 -29.59 6.28 19.18
CA TYR B 197 -28.62 6.14 20.24
C TYR B 197 -28.66 4.76 20.88
N VAL B 198 -27.54 4.03 20.85
CA VAL B 198 -27.49 2.70 21.47
C VAL B 198 -26.23 2.50 22.28
N VAL B 199 -26.23 1.47 23.11
CA VAL B 199 -25.09 1.12 23.94
C VAL B 199 -24.04 0.46 23.04
N ASP B 200 -22.76 0.60 23.39
CA ASP B 200 -21.69 0.01 22.59
C ASP B 200 -21.95 -1.45 22.26
N SER B 201 -22.45 -2.19 23.25
CA SER B 201 -22.75 -3.60 23.07
C SER B 201 -23.81 -3.90 22.00
N ALA B 202 -24.45 -2.87 21.45
CA ALA B 202 -25.47 -3.06 20.43
C ALA B 202 -24.86 -2.97 19.06
N ALA B 203 -23.57 -2.68 19.02
CA ALA B 203 -22.82 -2.53 17.78
C ALA B 203 -23.03 -3.59 16.71
N ARG B 204 -22.98 -4.86 17.08
CA ARG B 204 -23.16 -5.91 16.08
C ARG B 204 -24.64 -6.14 15.81
N HIS B 205 -25.48 -5.86 16.81
CA HIS B 205 -26.90 -6.08 16.66
C HIS B 205 -27.52 -5.20 15.60
N TYR B 206 -27.07 -3.95 15.52
CA TYR B 206 -27.61 -3.02 14.52
C TYR B 206 -26.67 -2.84 13.35
N MET B 207 -25.60 -3.63 13.33
CA MET B 207 -24.62 -3.57 12.25
C MET B 207 -25.17 -4.10 10.93
N LYS B 208 -26.21 -4.93 11.00
CA LYS B 208 -26.80 -5.51 9.80
C LYS B 208 -27.63 -4.46 9.05
N MET B 209 -28.03 -3.42 9.76
CA MET B 209 -28.83 -2.35 9.16
C MET B 209 -27.99 -1.10 8.97
N THR B 210 -26.67 -1.23 9.04
CA THR B 210 -25.76 -0.12 8.85
C THR B 210 -25.18 -0.13 7.44
N ASP B 211 -25.06 1.05 6.82
CA ASP B 211 -24.51 1.15 5.47
C ASP B 211 -23.06 1.60 5.44
N LYS B 212 -22.74 2.58 6.28
CA LYS B 212 -21.38 3.11 6.35
C LYS B 212 -20.95 3.34 7.80
N VAL B 213 -19.69 3.07 8.09
CA VAL B 213 -19.17 3.33 9.41
C VAL B 213 -18.16 4.44 9.26
N VAL B 214 -18.32 5.50 10.03
CA VAL B 214 -17.42 6.62 9.95
C VAL B 214 -16.92 6.97 11.34
N MET B 215 -15.64 6.77 11.59
CA MET B 215 -15.07 7.09 12.89
C MET B 215 -13.84 7.97 12.75
N GLY B 216 -13.37 8.51 13.88
CA GLY B 216 -12.20 9.36 13.88
C GLY B 216 -10.94 8.62 14.30
N ALA B 217 -9.93 9.33 14.76
CA ALA B 217 -8.70 8.69 15.17
C ALA B 217 -7.79 9.63 15.95
N ASP B 218 -6.90 9.08 16.76
CA ASP B 218 -5.97 9.90 17.54
C ASP B 218 -4.55 9.75 17.02
N SER B 219 -4.26 8.60 16.42
CA SER B 219 -2.95 8.31 15.86
C SER B 219 -3.04 7.18 14.85
N ILE B 220 -2.30 7.29 13.76
CA ILE B 220 -2.29 6.26 12.72
C ILE B 220 -0.85 5.87 12.41
N THR B 221 -0.58 4.57 12.50
CA THR B 221 0.75 4.04 12.26
C THR B 221 1.11 3.95 10.78
N VAL B 222 2.39 3.87 10.49
CA VAL B 222 2.87 3.79 9.11
C VAL B 222 2.23 2.64 8.31
N ASN B 223 1.83 1.59 9.00
CA ASN B 223 1.21 0.46 8.35
C ASN B 223 -0.30 0.66 8.21
N GLY B 224 -0.80 1.78 8.68
CA GLY B 224 -2.22 2.03 8.56
C GLY B 224 -3.03 1.47 9.71
N ALA B 225 -2.43 1.41 10.90
CA ALA B 225 -3.16 0.95 12.06
C ALA B 225 -3.76 2.20 12.70
N VAL B 226 -5.05 2.11 13.04
CA VAL B 226 -5.75 3.23 13.63
C VAL B 226 -5.94 3.15 15.13
N ILE B 227 -5.40 4.13 15.86
CA ILE B 227 -5.54 4.19 17.31
C ILE B 227 -6.66 5.19 17.59
N ASN B 228 -7.82 4.68 17.98
CA ASN B 228 -8.96 5.55 18.26
C ASN B 228 -9.60 5.16 19.59
N LYS B 229 -10.66 5.89 19.98
CA LYS B 229 -11.36 5.65 21.22
C LYS B 229 -11.64 4.18 21.46
N ILE B 230 -11.53 3.76 22.72
CA ILE B 230 -11.78 2.38 23.10
C ILE B 230 -13.11 1.90 22.53
N GLY B 231 -13.10 0.72 21.94
CA GLY B 231 -14.30 0.16 21.34
C GLY B 231 -14.34 0.30 19.84
N THR B 232 -13.48 1.15 19.29
CA THR B 232 -13.41 1.38 17.86
C THR B 232 -13.09 0.09 17.11
N ALA B 233 -12.09 -0.63 17.59
CA ALA B 233 -11.69 -1.87 16.96
C ALA B 233 -12.82 -2.90 16.92
N LEU B 234 -13.63 -2.95 17.98
CA LEU B 234 -14.74 -3.90 18.03
C LEU B 234 -15.75 -3.58 16.94
N ILE B 235 -16.10 -2.31 16.83
CA ILE B 235 -17.05 -1.90 15.81
C ILE B 235 -16.47 -2.23 14.45
N ALA B 236 -15.18 -1.97 14.28
CA ALA B 236 -14.50 -2.22 13.02
C ALA B 236 -14.46 -3.71 12.69
N LEU B 237 -14.33 -4.53 13.72
CA LEU B 237 -14.27 -5.98 13.56
C LEU B 237 -15.56 -6.51 12.95
N THR B 238 -16.69 -6.15 13.54
CA THR B 238 -17.97 -6.62 13.06
C THR B 238 -18.39 -5.89 11.79
N ALA B 239 -17.77 -4.75 11.52
CA ALA B 239 -18.09 -4.02 10.31
C ALA B 239 -17.58 -4.80 9.10
N LYS B 240 -16.34 -5.30 9.18
CA LYS B 240 -15.75 -6.07 8.10
C LYS B 240 -16.58 -7.33 7.93
N GLU B 241 -16.98 -7.89 9.06
CA GLU B 241 -17.79 -9.09 9.08
C GLU B 241 -19.08 -8.95 8.27
N HIS B 242 -19.61 -7.73 8.14
CA HIS B 242 -20.84 -7.55 7.38
C HIS B 242 -20.67 -6.90 6.02
N ARG B 243 -19.42 -6.65 5.64
CA ARG B 243 -19.04 -5.99 4.37
C ARG B 243 -19.54 -4.55 4.32
N VAL B 244 -19.38 -3.86 5.45
CA VAL B 244 -19.76 -2.47 5.61
C VAL B 244 -18.48 -1.64 5.65
N TRP B 245 -18.38 -0.65 4.76
CA TRP B 245 -17.18 0.17 4.76
C TRP B 245 -16.98 0.84 6.11
N THR B 246 -15.73 0.90 6.51
CA THR B 246 -15.32 1.53 7.75
C THR B 246 -14.42 2.63 7.25
N MET B 247 -14.82 3.88 7.48
CA MET B 247 -14.03 5.00 7.02
C MET B 247 -13.54 5.83 8.21
N ILE B 248 -12.24 6.07 8.27
CA ILE B 248 -11.69 6.88 9.34
C ILE B 248 -11.38 8.29 8.83
N ALA B 249 -12.03 9.28 9.41
CA ALA B 249 -11.81 10.67 9.00
C ALA B 249 -10.73 11.23 9.90
N ALA B 250 -9.55 11.51 9.35
CA ALA B 250 -8.45 12.02 10.15
C ALA B 250 -7.49 12.92 9.37
N GLU B 251 -7.02 13.96 10.03
CA GLU B 251 -6.10 14.90 9.40
C GLU B 251 -4.69 14.30 9.28
N THR B 252 -3.91 14.82 8.35
CA THR B 252 -2.55 14.33 8.16
C THR B 252 -1.75 14.39 9.44
N TYR B 253 -2.03 15.34 10.32
CA TYR B 253 -1.26 15.39 11.55
C TYR B 253 -1.76 14.42 12.62
N LYS B 254 -2.46 13.38 12.17
CA LYS B 254 -2.97 12.33 13.06
C LYS B 254 -2.09 11.11 12.82
N PHE B 255 -1.30 11.19 11.75
CA PHE B 255 -0.39 10.12 11.41
C PHE B 255 0.85 10.23 12.32
N HIS B 256 1.33 9.09 12.79
CA HIS B 256 2.46 9.02 13.71
C HIS B 256 3.82 8.79 13.01
N PRO B 257 4.69 9.80 13.02
CA PRO B 257 6.01 9.69 12.38
C PRO B 257 7.02 8.75 13.07
N GLU B 258 7.03 8.72 14.38
CA GLU B 258 7.96 7.85 15.09
C GLU B 258 7.67 6.38 14.79
N THR B 259 6.40 6.09 14.53
CA THR B 259 5.94 4.73 14.21
C THR B 259 6.81 4.08 13.18
N MET B 260 7.19 4.88 12.19
CA MET B 260 8.03 4.41 11.12
C MET B 260 9.41 3.97 11.61
N LEU B 261 9.78 4.35 12.83
CA LEU B 261 11.07 3.95 13.37
C LEU B 261 10.88 2.79 14.35
N GLY B 262 9.76 2.08 14.19
CA GLY B 262 9.46 0.93 15.02
C GLY B 262 8.87 1.18 16.39
N GLN B 263 8.58 2.43 16.69
CA GLN B 263 8.02 2.78 17.99
C GLN B 263 6.53 2.46 18.03
N LEU B 264 6.09 1.85 19.12
CA LEU B 264 4.67 1.51 19.29
C LEU B 264 3.96 2.70 19.92
N VAL B 265 2.69 2.90 19.57
CA VAL B 265 1.93 3.99 20.16
C VAL B 265 1.44 3.46 21.50
N GLU B 266 1.62 4.23 22.56
CA GLU B 266 1.18 3.77 23.86
C GLU B 266 -0.26 4.11 24.12
N ILE B 267 -0.97 3.17 24.74
CA ILE B 267 -2.36 3.34 25.06
C ILE B 267 -2.56 3.88 26.47
N GLU B 268 -2.98 5.13 26.56
CA GLU B 268 -3.22 5.78 27.84
C GLU B 268 -4.17 5.00 28.76
N MET B 269 -3.77 4.83 30.02
CA MET B 269 -4.59 4.15 31.01
C MET B 269 -5.05 5.20 31.99
N ARG B 270 -6.30 5.65 31.84
CA ARG B 270 -6.87 6.69 32.71
C ARG B 270 -7.39 6.20 34.05
N ASP B 271 -7.55 7.13 34.99
CA ASP B 271 -8.03 6.83 36.33
C ASP B 271 -9.26 5.94 36.36
N PRO B 272 -9.30 4.97 37.29
CA PRO B 272 -10.42 4.05 37.44
C PRO B 272 -11.74 4.72 37.79
N THR B 273 -11.66 5.87 38.44
CA THR B 273 -12.87 6.56 38.83
C THR B 273 -13.61 7.28 37.71
N GLU B 274 -13.26 7.00 36.46
CA GLU B 274 -13.98 7.61 35.34
C GLU B 274 -15.01 6.55 34.90
N VAL B 275 -14.68 5.31 35.20
CA VAL B 275 -15.54 4.16 34.91
C VAL B 275 -16.57 4.06 36.06
N ILE B 276 -16.04 3.86 37.27
CA ILE B 276 -16.82 3.74 38.51
C ILE B 276 -16.45 4.89 39.44
N PRO B 277 -17.42 5.75 39.82
CA PRO B 277 -17.18 6.90 40.70
C PRO B 277 -16.52 6.58 42.06
N GLU B 278 -15.64 7.47 42.50
CA GLU B 278 -14.89 7.35 43.77
C GLU B 278 -15.75 6.85 44.93
N ASP B 279 -16.88 7.52 45.14
CA ASP B 279 -17.87 7.21 46.18
C ASP B 279 -18.16 5.70 46.19
N GLU B 280 -18.65 5.17 45.06
CA GLU B 280 -18.98 3.76 44.91
C GLU B 280 -17.75 2.86 44.78
N LEU B 281 -16.69 3.34 44.14
CA LEU B 281 -15.51 2.51 43.97
C LEU B 281 -14.92 2.07 45.31
N LYS B 282 -14.73 3.03 46.22
CA LYS B 282 -14.18 2.75 47.54
C LYS B 282 -14.95 1.62 48.23
N THR B 283 -16.19 1.41 47.78
CA THR B 283 -17.05 0.37 48.32
C THR B 283 -16.62 -1.02 47.89
N TRP B 284 -16.09 -1.13 46.68
CA TRP B 284 -15.67 -2.43 46.15
C TRP B 284 -14.52 -3.09 46.90
N PRO B 285 -14.56 -4.43 47.01
CA PRO B 285 -13.50 -5.19 47.69
C PRO B 285 -12.16 -4.99 47.00
N LYS B 286 -11.10 -5.18 47.78
CA LYS B 286 -9.74 -5.00 47.26
C LYS B 286 -9.37 -5.90 46.09
N ASN B 287 -9.96 -7.10 46.01
CA ASN B 287 -9.63 -8.01 44.91
C ASN B 287 -10.24 -7.69 43.54
N ILE B 288 -11.00 -6.59 43.44
CA ILE B 288 -11.59 -6.15 42.18
C ILE B 288 -10.79 -4.96 41.64
N GLU B 289 -10.44 -4.98 40.37
CA GLU B 289 -9.67 -3.89 39.75
C GLU B 289 -10.33 -3.37 38.50
N VAL B 290 -10.41 -2.04 38.40
CA VAL B 290 -11.00 -1.46 37.22
C VAL B 290 -9.84 -1.05 36.32
N TRP B 291 -9.86 -1.54 35.09
CA TRP B 291 -8.85 -1.19 34.11
C TRP B 291 -9.53 -0.26 33.13
N ASN B 292 -8.84 0.80 32.74
CA ASN B 292 -9.48 1.73 31.88
C ASN B 292 -8.68 2.23 30.69
N PRO B 293 -8.59 1.42 29.62
CA PRO B 293 -7.83 1.88 28.46
C PRO B 293 -8.70 2.90 27.74
N ALA B 294 -8.09 3.98 27.30
CA ALA B 294 -8.83 5.05 26.63
C ALA B 294 -8.85 4.87 25.13
N PHE B 295 -8.07 3.90 24.64
CA PHE B 295 -8.00 3.67 23.23
C PHE B 295 -7.70 2.21 22.95
N ASP B 296 -7.86 1.81 21.69
CA ASP B 296 -7.53 0.44 21.29
C ASP B 296 -7.02 0.53 19.86
N VAL B 297 -6.53 -0.58 19.33
CA VAL B 297 -5.99 -0.55 17.99
C VAL B 297 -6.87 -1.30 16.99
N THR B 298 -6.94 -0.77 15.79
CA THR B 298 -7.71 -1.36 14.72
C THR B 298 -6.72 -1.75 13.64
N PRO B 299 -6.65 -3.04 13.30
CA PRO B 299 -5.70 -3.45 12.28
C PRO B 299 -6.09 -2.70 11.01
N PRO B 300 -5.13 -2.53 10.10
CA PRO B 300 -5.37 -1.82 8.84
C PRO B 300 -6.34 -2.52 7.86
N GLU B 301 -6.49 -3.83 8.01
CA GLU B 301 -7.39 -4.58 7.13
C GLU B 301 -8.87 -4.35 7.42
N TYR B 302 -9.17 -3.81 8.59
CA TYR B 302 -10.55 -3.53 8.95
C TYR B 302 -10.90 -2.10 8.57
N VAL B 303 -9.89 -1.34 8.17
CA VAL B 303 -10.11 0.05 7.76
C VAL B 303 -10.17 0.09 6.25
N ASP B 304 -11.28 0.56 5.69
CA ASP B 304 -11.38 0.63 4.24
C ASP B 304 -10.64 1.81 3.67
N VAL B 305 -10.86 2.99 4.23
CA VAL B 305 -10.17 4.17 3.75
C VAL B 305 -10.00 5.20 4.85
N ILE B 306 -8.98 6.04 4.73
CA ILE B 306 -8.75 7.11 5.68
C ILE B 306 -9.02 8.36 4.88
N ILE B 307 -9.87 9.25 5.38
CA ILE B 307 -10.19 10.48 4.64
C ILE B 307 -9.38 11.63 5.18
N THR B 308 -8.42 12.13 4.41
CA THR B 308 -7.61 13.25 4.88
C THR B 308 -7.78 14.49 3.99
N GLU B 309 -7.34 15.65 4.50
CA GLU B 309 -7.44 16.91 3.77
C GLU B 309 -6.68 16.83 2.45
N ARG B 310 -5.87 15.78 2.33
CA ARG B 310 -5.07 15.54 1.12
C ARG B 310 -5.80 14.56 0.19
N GLY B 311 -7.01 14.16 0.58
CA GLY B 311 -7.75 13.23 -0.24
C GLY B 311 -7.80 11.84 0.39
N ILE B 312 -8.60 10.98 -0.21
CA ILE B 312 -8.78 9.61 0.27
C ILE B 312 -7.58 8.73 -0.07
N ILE B 313 -7.27 7.82 0.84
CA ILE B 313 -6.14 6.91 0.67
C ILE B 313 -6.41 5.60 1.36
N PRO B 314 -5.78 4.52 0.90
CA PRO B 314 -5.98 3.24 1.57
C PRO B 314 -5.11 3.24 2.84
N PRO B 315 -5.45 2.40 3.84
CA PRO B 315 -4.68 2.33 5.09
C PRO B 315 -3.18 2.19 4.89
N TYR B 316 -2.82 1.25 4.02
CA TYR B 316 -1.44 0.94 3.72
C TYR B 316 -0.61 2.08 3.15
N ALA B 317 -1.28 3.16 2.75
CA ALA B 317 -0.60 4.32 2.17
C ALA B 317 -0.17 5.34 3.23
N ALA B 318 -0.50 5.05 4.49
CA ALA B 318 -0.15 5.94 5.58
C ALA B 318 1.35 6.32 5.54
N ILE B 319 2.18 5.41 5.04
CA ILE B 319 3.63 5.67 4.93
C ILE B 319 3.90 6.81 3.96
N ASP B 320 3.09 6.88 2.89
CA ASP B 320 3.25 7.93 1.91
C ASP B 320 2.93 9.26 2.58
N ILE B 321 1.87 9.30 3.37
CA ILE B 321 1.53 10.55 4.05
C ILE B 321 2.70 10.96 4.93
N LEU B 322 3.21 10.03 5.72
CA LEU B 322 4.34 10.31 6.59
C LEU B 322 5.56 10.81 5.80
N ARG B 323 6.08 9.99 4.89
CA ARG B 323 7.26 10.44 4.12
C ARG B 323 7.08 11.84 3.58
N GLU B 324 5.84 12.22 3.26
CA GLU B 324 5.56 13.56 2.77
C GLU B 324 5.66 14.58 3.89
N GLU B 325 4.57 14.76 4.61
CA GLU B 325 4.50 15.72 5.71
C GLU B 325 5.70 15.81 6.68
N PHE B 326 6.04 14.68 7.31
CA PHE B 326 7.12 14.62 8.32
C PHE B 326 8.42 14.01 7.82
N GLY B 327 8.77 14.29 6.56
CA GLY B 327 10.00 13.75 5.98
C GLY B 327 11.28 14.05 6.75
N TRP B 328 11.20 14.95 7.74
CA TRP B 328 12.39 15.30 8.52
C TRP B 328 12.09 15.30 10.03
N ALA B 329 10.88 14.85 10.37
CA ALA B 329 10.44 14.77 11.77
C ALA B 329 10.96 13.48 12.38
N LEU B 330 11.90 12.84 11.69
CA LEU B 330 12.51 11.59 12.16
C LEU B 330 13.81 11.82 12.98
N LYS B 331 14.89 12.23 12.30
CA LYS B 331 16.18 12.45 12.97
C LYS B 331 16.25 13.71 13.84
N TYR B 332 15.77 14.83 13.33
CA TYR B 332 15.74 16.07 14.10
C TYR B 332 15.04 15.73 15.41
N THR B 333 15.79 15.74 16.52
CA THR B 333 15.22 15.46 17.85
C THR B 333 14.07 16.45 18.06
N GLU B 334 13.24 16.22 19.08
CA GLU B 334 12.13 17.14 19.31
C GLU B 334 12.73 18.56 19.40
N PRO B 335 12.17 19.51 18.63
CA PRO B 335 12.65 20.91 18.62
C PRO B 335 12.44 21.65 19.93
N TRP B 336 11.89 20.96 20.94
CA TRP B 336 11.70 21.59 22.25
C TRP B 336 12.56 20.88 23.29
N GLU B 337 13.47 20.03 22.82
CA GLU B 337 14.39 19.29 23.69
C GLU B 337 15.68 20.10 23.90
N ASP B 338 16.27 19.96 25.09
CA ASP B 338 17.51 20.65 25.46
C ASP B 338 17.27 22.12 25.83
N ALA C 18 39.95 -17.54 -16.02
CA ALA C 18 40.58 -16.20 -15.76
C ALA C 18 40.34 -15.87 -14.29
N VAL C 19 39.19 -16.33 -13.80
CA VAL C 19 38.76 -16.12 -12.41
C VAL C 19 39.71 -16.75 -11.38
N VAL C 20 40.08 -15.95 -10.39
CA VAL C 20 40.98 -16.39 -9.33
C VAL C 20 40.42 -17.65 -8.66
N LYS C 21 41.22 -18.35 -7.87
CA LYS C 21 40.76 -19.57 -7.21
C LYS C 21 39.86 -19.26 -6.01
N GLU C 22 40.21 -18.23 -5.24
CA GLU C 22 39.41 -17.89 -4.07
C GLU C 22 37.99 -17.53 -4.47
N VAL C 23 37.77 -17.21 -5.74
CA VAL C 23 36.42 -16.88 -6.19
C VAL C 23 35.65 -18.20 -6.37
N LEU C 24 36.30 -19.17 -6.97
CA LEU C 24 35.67 -20.48 -7.18
C LEU C 24 35.36 -21.15 -5.86
N GLU C 25 36.08 -20.76 -4.81
CA GLU C 25 35.83 -21.35 -3.51
C GLU C 25 34.60 -20.73 -2.86
N ILE C 26 34.52 -19.40 -2.87
CA ILE C 26 33.36 -18.73 -2.29
C ILE C 26 32.11 -19.31 -2.94
N ALA C 27 32.11 -19.36 -4.28
CA ALA C 27 30.99 -19.88 -5.06
C ALA C 27 30.59 -21.31 -4.68
N GLU C 28 31.58 -22.19 -4.49
CA GLU C 28 31.32 -23.56 -4.12
C GLU C 28 30.70 -23.66 -2.72
N LYS C 29 31.24 -22.89 -1.78
CA LYS C 29 30.75 -22.86 -0.40
C LYS C 29 29.34 -22.29 -0.33
N ILE C 30 28.93 -21.58 -1.38
CA ILE C 30 27.61 -20.99 -1.44
C ILE C 30 26.56 -22.00 -1.94
N LYS C 31 26.94 -22.87 -2.87
CA LYS C 31 25.98 -23.85 -3.37
C LYS C 31 25.95 -25.12 -2.54
N ASN C 32 26.82 -25.21 -1.55
CA ASN C 32 26.85 -26.37 -0.67
C ASN C 32 26.33 -25.90 0.68
N MET C 33 26.01 -24.61 0.71
CA MET C 33 25.50 -23.94 1.88
C MET C 33 26.45 -24.02 3.06
N GLU C 34 27.74 -24.14 2.75
CA GLU C 34 28.76 -24.18 3.78
C GLU C 34 28.78 -22.74 4.28
N ILE C 35 28.21 -21.87 3.45
CA ILE C 35 28.02 -20.45 3.73
C ILE C 35 26.59 -20.21 3.28
N ARG C 36 25.69 -19.89 4.20
CA ARG C 36 24.30 -19.65 3.84
C ARG C 36 23.66 -18.49 4.58
N GLY C 37 22.44 -18.15 4.19
CA GLY C 37 21.74 -17.02 4.76
C GLY C 37 21.83 -15.94 3.69
N ALA C 38 20.69 -15.43 3.26
CA ALA C 38 20.65 -14.43 2.20
C ALA C 38 21.56 -13.22 2.39
N GLY C 39 21.69 -12.73 3.62
CA GLY C 39 22.53 -11.57 3.87
C GLY C 39 24.01 -11.87 3.82
N LYS C 40 24.42 -13.00 4.40
CA LYS C 40 25.81 -13.40 4.41
C LYS C 40 26.28 -13.78 3.00
N ILE C 41 25.44 -14.51 2.26
CA ILE C 41 25.80 -14.90 0.91
C ILE C 41 26.07 -13.66 0.06
N ALA C 42 25.24 -12.65 0.24
CA ALA C 42 25.38 -11.41 -0.50
C ALA C 42 26.73 -10.78 -0.20
N ARG C 43 27.10 -10.74 1.07
CA ARG C 43 28.37 -10.16 1.44
C ARG C 43 29.50 -11.02 0.86
N SER C 44 29.43 -12.32 1.03
CA SER C 44 30.46 -13.21 0.51
C SER C 44 30.61 -13.06 -1.00
N ALA C 45 29.51 -12.76 -1.68
CA ALA C 45 29.54 -12.57 -3.12
C ALA C 45 30.38 -11.33 -3.40
N ALA C 46 30.05 -10.25 -2.70
CA ALA C 46 30.77 -9.00 -2.86
C ALA C 46 32.23 -9.18 -2.46
N TYR C 47 32.50 -10.04 -1.49
CA TYR C 47 33.85 -10.29 -1.04
C TYR C 47 34.60 -11.15 -2.05
N ALA C 48 33.86 -11.85 -2.90
CA ALA C 48 34.47 -12.68 -3.93
C ALA C 48 35.05 -11.72 -4.94
N LEU C 49 34.19 -10.82 -5.42
CA LEU C 49 34.62 -9.84 -6.40
C LEU C 49 35.81 -9.06 -5.82
N GLN C 50 35.74 -8.70 -4.56
CA GLN C 50 36.84 -7.96 -3.97
C GLN C 50 38.16 -8.70 -4.13
N LEU C 51 38.18 -9.99 -3.81
CA LEU C 51 39.38 -10.79 -3.91
C LEU C 51 39.83 -10.91 -5.38
N GLN C 52 38.87 -11.08 -6.27
CA GLN C 52 39.17 -11.20 -7.69
C GLN C 52 39.92 -9.98 -8.17
N ALA C 53 39.64 -8.82 -7.57
CA ALA C 53 40.29 -7.57 -7.95
C ALA C 53 41.67 -7.36 -7.29
N GLU C 54 41.84 -7.86 -6.07
CA GLU C 54 43.13 -7.70 -5.37
C GLU C 54 44.14 -8.75 -5.86
N LYS C 55 43.64 -9.85 -6.40
CA LYS C 55 44.50 -10.92 -6.87
C LYS C 55 44.49 -11.14 -8.37
N SER C 56 43.92 -10.19 -9.11
CA SER C 56 43.88 -10.34 -10.57
C SER C 56 45.28 -10.18 -11.17
N LYS C 57 45.53 -10.90 -12.26
CA LYS C 57 46.82 -10.83 -12.94
C LYS C 57 46.72 -10.10 -14.29
N ALA C 58 45.51 -10.06 -14.85
CA ALA C 58 45.27 -9.40 -16.13
C ALA C 58 46.11 -8.13 -16.17
N THR C 59 46.90 -7.97 -17.22
CA THR C 59 47.80 -6.82 -17.39
C THR C 59 47.11 -5.59 -18.04
N ASN C 60 46.02 -5.85 -18.73
CA ASN C 60 45.22 -4.84 -19.44
C ASN C 60 43.90 -4.62 -18.70
N VAL C 61 43.31 -3.41 -18.83
CA VAL C 61 42.03 -3.10 -18.16
C VAL C 61 40.81 -3.82 -18.77
N ASP C 62 40.69 -3.82 -20.09
CA ASP C 62 39.55 -4.47 -20.75
C ASP C 62 39.53 -5.96 -20.42
N GLU C 63 40.70 -6.53 -20.15
CA GLU C 63 40.76 -7.95 -19.80
C GLU C 63 40.42 -8.14 -18.34
N PHE C 64 40.76 -7.16 -17.51
CA PHE C 64 40.45 -7.24 -16.09
C PHE C 64 38.92 -7.23 -16.00
N TRP C 65 38.33 -6.26 -16.68
CA TRP C 65 36.88 -6.10 -16.67
C TRP C 65 36.24 -7.37 -17.17
N LYS C 66 36.95 -8.08 -18.05
CA LYS C 66 36.46 -9.34 -18.59
C LYS C 66 36.34 -10.39 -17.48
N GLU C 67 37.41 -10.54 -16.70
CA GLU C 67 37.46 -11.50 -15.61
C GLU C 67 36.39 -11.24 -14.55
N MET C 68 36.22 -9.97 -14.19
CA MET C 68 35.21 -9.60 -13.20
C MET C 68 33.84 -10.09 -13.65
N LYS C 69 33.46 -9.76 -14.88
CA LYS C 69 32.17 -10.18 -15.41
C LYS C 69 32.06 -11.70 -15.37
N GLN C 70 33.19 -12.38 -15.53
CA GLN C 70 33.18 -13.84 -15.49
C GLN C 70 33.00 -14.34 -14.06
N ALA C 71 33.66 -13.67 -13.11
CA ALA C 71 33.56 -14.05 -11.71
C ALA C 71 32.15 -13.77 -11.20
N ALA C 72 31.55 -12.70 -11.70
CA ALA C 72 30.20 -12.31 -11.31
C ALA C 72 29.16 -13.33 -11.79
N LYS C 73 29.29 -13.78 -13.03
CA LYS C 73 28.37 -14.77 -13.57
C LYS C 73 28.46 -16.07 -12.77
N ILE C 74 29.67 -16.43 -12.32
CA ILE C 74 29.85 -17.65 -11.55
C ILE C 74 29.06 -17.54 -10.24
N LEU C 75 29.26 -16.42 -9.53
CA LEU C 75 28.58 -16.19 -8.27
C LEU C 75 27.06 -16.21 -8.44
N PHE C 76 26.59 -15.48 -9.44
CA PHE C 76 25.17 -15.40 -9.74
C PHE C 76 24.50 -16.77 -9.85
N GLU C 77 25.23 -17.71 -10.42
CA GLU C 77 24.74 -19.07 -10.65
C GLU C 77 24.89 -20.08 -9.54
N THR C 78 25.32 -19.65 -8.37
CA THR C 78 25.47 -20.55 -7.24
C THR C 78 24.10 -20.98 -6.70
N ARG C 79 23.32 -20.04 -6.18
CA ARG C 79 21.98 -20.33 -5.67
C ARG C 79 21.04 -19.25 -6.19
N PRO C 80 19.92 -19.65 -6.80
CA PRO C 80 18.87 -18.81 -7.40
C PRO C 80 17.93 -17.90 -6.58
N THR C 81 17.25 -18.45 -5.58
CA THR C 81 16.25 -17.69 -4.82
C THR C 81 16.51 -16.37 -4.09
N ALA C 82 17.61 -16.23 -3.36
CA ALA C 82 17.88 -14.98 -2.63
C ALA C 82 18.39 -13.86 -3.55
N VAL C 83 17.64 -12.77 -3.68
CA VAL C 83 18.07 -11.67 -4.54
C VAL C 83 19.24 -10.92 -3.96
N SER C 84 19.49 -11.10 -2.66
CA SER C 84 20.60 -10.43 -2.00
C SER C 84 21.87 -10.67 -2.80
N LEU C 85 22.01 -11.90 -3.29
CA LEU C 85 23.17 -12.25 -4.09
C LEU C 85 23.20 -11.39 -5.36
N PRO C 86 22.16 -11.51 -6.23
CA PRO C 86 22.15 -10.69 -7.45
C PRO C 86 22.24 -9.20 -7.19
N ASN C 87 21.67 -8.74 -6.08
CA ASN C 87 21.72 -7.31 -5.79
C ASN C 87 23.11 -6.87 -5.39
N ALA C 88 23.80 -7.68 -4.60
CA ALA C 88 25.15 -7.34 -4.19
C ALA C 88 25.99 -7.30 -5.47
N LEU C 89 25.72 -8.22 -6.39
CA LEU C 89 26.46 -8.25 -7.65
C LEU C 89 26.15 -6.97 -8.43
N ARG C 90 24.88 -6.58 -8.44
CA ARG C 90 24.48 -5.38 -9.16
C ARG C 90 25.11 -4.12 -8.59
N TYR C 91 25.47 -4.15 -7.31
CA TYR C 91 26.06 -2.97 -6.65
C TYR C 91 27.52 -2.73 -7.03
N VAL C 92 28.32 -3.78 -6.90
CA VAL C 92 29.74 -3.72 -7.20
C VAL C 92 29.97 -3.64 -8.70
N MET C 93 29.38 -4.59 -9.43
CA MET C 93 29.53 -4.63 -10.88
C MET C 93 29.00 -3.38 -11.55
N HIS C 94 28.01 -2.73 -10.98
CA HIS C 94 27.48 -1.53 -11.61
C HIS C 94 28.46 -0.37 -11.59
N ARG C 95 28.96 -0.04 -10.40
CA ARG C 95 29.91 1.04 -10.27
C ARG C 95 31.12 0.72 -11.14
N GLY C 96 31.51 -0.56 -11.13
CA GLY C 96 32.63 -0.98 -11.95
C GLY C 96 32.37 -0.70 -13.42
N LYS C 97 31.11 -0.82 -13.84
CA LYS C 97 30.79 -0.57 -15.24
C LYS C 97 30.89 0.91 -15.53
N ILE C 98 30.18 1.73 -14.75
CA ILE C 98 30.24 3.18 -14.95
C ILE C 98 31.69 3.64 -15.05
N ALA C 99 32.54 3.13 -14.16
CA ALA C 99 33.96 3.47 -14.13
C ALA C 99 34.65 3.07 -15.44
N TYR C 100 34.29 1.89 -15.93
CA TYR C 100 34.84 1.34 -17.18
C TYR C 100 34.49 2.18 -18.39
N SER C 101 33.20 2.45 -18.59
CA SER C 101 32.72 3.24 -19.73
C SER C 101 33.13 4.70 -19.65
N SER C 102 33.94 5.03 -18.65
CA SER C 102 34.40 6.40 -18.45
C SER C 102 35.83 6.49 -18.95
N GLY C 103 36.62 5.45 -18.65
CA GLY C 103 38.01 5.44 -19.07
C GLY C 103 38.89 4.91 -17.96
N ALA C 104 38.29 4.19 -17.04
CA ALA C 104 39.05 3.65 -15.93
C ALA C 104 40.29 2.90 -16.42
N ASP C 105 41.43 3.27 -15.85
CA ASP C 105 42.68 2.64 -16.18
C ASP C 105 42.71 1.38 -15.30
N LEU C 106 43.43 0.34 -15.71
CA LEU C 106 43.49 -0.91 -14.94
C LEU C 106 43.51 -0.75 -13.42
N GLU C 107 44.47 0.00 -12.89
CA GLU C 107 44.58 0.21 -11.44
C GLU C 107 43.45 1.08 -10.88
N GLN C 108 42.74 1.79 -11.74
CA GLN C 108 41.64 2.64 -11.28
C GLN C 108 40.38 1.78 -11.05
N LEU C 109 40.02 0.97 -12.06
CA LEU C 109 38.84 0.13 -11.93
C LEU C 109 39.10 -0.81 -10.77
N ARG C 110 40.34 -1.25 -10.67
CA ARG C 110 40.75 -2.17 -9.60
C ARG C 110 40.35 -1.63 -8.24
N PHE C 111 40.49 -0.33 -8.04
CA PHE C 111 40.12 0.26 -6.76
C PHE C 111 38.60 0.45 -6.67
N VAL C 112 38.01 1.01 -7.71
CA VAL C 112 36.58 1.24 -7.74
C VAL C 112 35.81 0.00 -7.29
N ILE C 113 36.26 -1.16 -7.77
CA ILE C 113 35.63 -2.45 -7.43
C ILE C 113 35.93 -2.84 -5.98
N ILE C 114 37.20 -2.80 -5.61
CA ILE C 114 37.57 -3.13 -4.24
C ILE C 114 36.84 -2.19 -3.31
N ASN C 115 36.59 -0.97 -3.78
CA ASN C 115 35.90 0.00 -2.95
C ASN C 115 34.43 -0.36 -2.86
N ALA C 116 33.75 -0.38 -4.01
CA ALA C 116 32.32 -0.73 -4.04
C ALA C 116 32.04 -2.05 -3.32
N ALA C 117 33.03 -2.93 -3.25
CA ALA C 117 32.87 -4.21 -2.59
C ALA C 117 32.76 -3.99 -1.09
N LYS C 118 33.71 -3.22 -0.55
CA LYS C 118 33.73 -2.91 0.87
C LYS C 118 32.47 -2.16 1.24
N GLU C 119 32.22 -1.08 0.51
CA GLU C 119 31.04 -0.24 0.72
C GLU C 119 29.84 -1.14 0.99
N PHE C 120 29.56 -2.08 0.09
CA PHE C 120 28.42 -2.97 0.29
C PHE C 120 28.53 -3.85 1.54
N ILE C 121 29.64 -4.57 1.68
CA ILE C 121 29.84 -5.42 2.84
C ILE C 121 29.66 -4.63 4.12
N HIS C 122 29.92 -3.33 4.03
CA HIS C 122 29.80 -2.46 5.19
C HIS C 122 28.36 -1.99 5.46
N ASN C 123 27.67 -1.53 4.44
CA ASN C 123 26.30 -1.06 4.66
C ASN C 123 25.41 -2.23 5.07
N SER C 124 25.86 -3.44 4.79
CA SER C 124 25.10 -4.64 5.17
C SER C 124 25.24 -4.79 6.67
N GLU C 125 26.46 -4.68 7.18
CA GLU C 125 26.72 -4.80 8.60
C GLU C 125 25.92 -3.74 9.34
N LYS C 126 25.88 -2.54 8.78
CA LYS C 126 25.16 -1.41 9.36
C LYS C 126 23.64 -1.59 9.25
N ALA C 127 23.19 -2.05 8.08
CA ALA C 127 21.78 -2.25 7.86
C ALA C 127 21.20 -3.21 8.89
N LEU C 128 22.00 -4.18 9.33
CA LEU C 128 21.53 -5.15 10.33
C LEU C 128 21.39 -4.51 11.70
N GLU C 129 22.28 -3.56 12.03
CA GLU C 129 22.20 -2.89 13.32
C GLU C 129 20.93 -2.05 13.35
N ARG C 130 20.71 -1.27 12.28
CA ARG C 130 19.52 -0.43 12.19
C ARG C 130 18.23 -1.24 12.15
N ILE C 131 18.26 -2.43 11.56
CA ILE C 131 17.06 -3.26 11.55
C ILE C 131 16.88 -3.71 12.99
N GLY C 132 18.01 -3.93 13.67
CA GLY C 132 17.94 -4.35 15.06
C GLY C 132 17.27 -3.29 15.93
N GLU C 133 17.70 -2.03 15.79
CA GLU C 133 17.14 -0.92 16.56
C GLU C 133 15.65 -0.70 16.30
N PHE C 134 15.26 -0.64 15.03
CA PHE C 134 13.87 -0.41 14.65
C PHE C 134 12.90 -1.53 15.06
N GLY C 135 13.28 -2.78 14.81
CA GLY C 135 12.41 -3.88 15.17
C GLY C 135 12.37 -4.13 16.68
N ALA C 136 13.44 -3.78 17.37
CA ALA C 136 13.53 -3.99 18.82
C ALA C 136 12.56 -3.13 19.61
N LYS C 137 12.04 -2.08 18.99
CA LYS C 137 11.09 -1.18 19.65
C LYS C 137 9.68 -1.76 19.59
N ARG C 138 9.53 -2.81 18.80
CA ARG C 138 8.24 -3.47 18.64
C ARG C 138 8.11 -4.65 19.58
N ILE C 139 9.23 -5.01 20.21
CA ILE C 139 9.24 -6.12 21.15
C ILE C 139 8.98 -5.55 22.54
N GLU C 140 7.94 -6.06 23.19
CA GLU C 140 7.60 -5.57 24.53
C GLU C 140 8.14 -6.50 25.60
N ASP C 141 8.45 -5.92 26.75
CA ASP C 141 8.97 -6.68 27.87
C ASP C 141 8.00 -7.84 28.21
N GLY C 142 8.54 -9.02 28.48
CA GLY C 142 7.71 -10.18 28.82
C GLY C 142 7.17 -10.91 27.61
N ASP C 143 7.49 -10.40 26.43
CA ASP C 143 7.05 -10.97 25.16
C ASP C 143 7.69 -12.31 24.86
N VAL C 144 6.96 -13.18 24.18
CA VAL C 144 7.49 -14.47 23.79
C VAL C 144 7.56 -14.34 22.27
N ILE C 145 8.72 -14.65 21.71
CA ILE C 145 8.92 -14.54 20.28
C ILE C 145 9.09 -15.88 19.61
N MET C 146 8.40 -16.09 18.49
CA MET C 146 8.58 -17.33 17.75
C MET C 146 9.25 -16.95 16.44
N THR C 147 10.18 -17.78 16.00
CA THR C 147 10.88 -17.51 14.76
C THR C 147 11.07 -18.80 13.96
N HIS C 148 11.74 -18.70 12.82
CA HIS C 148 11.95 -19.87 11.99
C HIS C 148 13.32 -19.72 11.35
N SER C 149 13.94 -20.84 11.02
CA SER C 149 15.26 -20.81 10.38
C SER C 149 16.25 -19.96 11.16
N HIS C 150 17.36 -19.61 10.50
CA HIS C 150 18.39 -18.80 11.11
C HIS C 150 18.58 -17.51 10.33
N SER C 151 18.04 -16.42 10.86
CA SER C 151 18.14 -15.13 10.22
C SER C 151 18.88 -14.10 11.06
N LYS C 152 19.98 -13.57 10.53
CA LYS C 152 20.76 -12.55 11.24
C LYS C 152 19.84 -11.38 11.53
N ALA C 153 19.05 -11.01 10.52
CA ALA C 153 18.12 -9.90 10.64
C ALA C 153 17.14 -10.12 11.80
N ALA C 154 16.48 -11.26 11.82
CA ALA C 154 15.52 -11.57 12.88
C ALA C 154 16.21 -11.58 14.24
N ILE C 155 17.35 -12.28 14.29
CA ILE C 155 18.15 -12.38 15.49
C ILE C 155 18.59 -11.00 15.96
N SER C 156 18.83 -10.12 15.00
CA SER C 156 19.23 -8.77 15.32
C SER C 156 18.11 -8.09 16.12
N VAL C 157 16.88 -8.18 15.60
CA VAL C 157 15.73 -7.60 16.25
C VAL C 157 15.56 -8.19 17.64
N MET C 158 15.76 -9.50 17.76
CA MET C 158 15.61 -10.19 19.04
C MET C 158 16.72 -9.86 20.02
N LYS C 159 17.96 -10.05 19.60
CA LYS C 159 19.12 -9.78 20.43
C LYS C 159 19.14 -8.33 20.93
N THR C 160 18.80 -7.38 20.07
CA THR C 160 18.81 -5.97 20.46
C THR C 160 17.79 -5.70 21.55
N ALA C 161 16.59 -6.26 21.40
CA ALA C 161 15.52 -6.08 22.37
C ALA C 161 15.97 -6.53 23.75
N TRP C 162 16.55 -7.73 23.80
CA TRP C 162 17.05 -8.31 25.04
C TRP C 162 18.03 -7.37 25.70
N GLU C 163 18.99 -6.87 24.91
CA GLU C 163 20.01 -5.96 25.41
C GLU C 163 19.47 -4.65 25.92
N GLN C 164 18.31 -4.24 25.43
CA GLN C 164 17.67 -3.02 25.91
C GLN C 164 17.05 -3.34 27.27
N GLY C 165 17.32 -4.52 27.79
CA GLY C 165 16.75 -4.88 29.08
C GLY C 165 15.39 -5.58 29.04
N LYS C 166 14.84 -5.78 27.85
CA LYS C 166 13.55 -6.46 27.73
C LYS C 166 13.64 -7.96 28.00
N ASP C 167 12.67 -8.45 28.76
CA ASP C 167 12.59 -9.84 29.16
C ASP C 167 11.85 -10.68 28.13
N ILE C 168 12.57 -11.43 27.32
CA ILE C 168 11.88 -12.24 26.34
C ILE C 168 12.27 -13.70 26.43
N LYS C 169 11.58 -14.51 25.64
CA LYS C 169 11.78 -15.95 25.56
C LYS C 169 11.47 -16.22 24.10
N VAL C 170 12.37 -16.93 23.43
CA VAL C 170 12.20 -17.22 22.02
C VAL C 170 11.90 -18.69 21.73
N ILE C 171 10.88 -18.92 20.92
CA ILE C 171 10.50 -20.28 20.53
C ILE C 171 11.14 -20.50 19.18
N VAL C 172 12.15 -21.36 19.15
CA VAL C 172 12.88 -21.65 17.93
C VAL C 172 12.36 -22.93 17.28
N THR C 173 11.83 -22.82 16.07
CA THR C 173 11.36 -24.01 15.39
C THR C 173 12.56 -24.69 14.77
N GLU C 174 12.53 -26.03 14.73
CA GLU C 174 13.62 -26.85 14.20
C GLU C 174 14.18 -26.46 12.85
N THR C 175 13.30 -26.29 11.89
CA THR C 175 13.67 -25.93 10.54
C THR C 175 14.39 -27.05 9.81
N ARG C 176 13.62 -28.02 9.34
CA ARG C 176 14.17 -29.12 8.58
C ARG C 176 14.24 -28.59 7.14
N PRO C 177 15.01 -29.26 6.28
CA PRO C 177 15.79 -30.47 6.56
C PRO C 177 17.19 -30.21 7.10
N LYS C 178 17.64 -28.96 7.01
CA LYS C 178 18.98 -28.63 7.45
C LYS C 178 19.19 -28.33 8.93
N TRP C 179 18.14 -28.49 9.73
CA TRP C 179 18.23 -28.25 11.16
C TRP C 179 18.80 -26.88 11.45
N GLN C 180 18.25 -25.85 10.82
CA GLN C 180 18.78 -24.51 11.03
C GLN C 180 18.36 -23.96 12.38
N GLY C 181 17.33 -24.55 12.97
CA GLY C 181 16.88 -24.09 14.27
C GLY C 181 17.97 -24.21 15.32
N LYS C 182 18.84 -25.20 15.15
CA LYS C 182 19.94 -25.42 16.07
C LYS C 182 20.92 -24.25 16.10
N ILE C 183 21.10 -23.57 14.97
CA ILE C 183 22.02 -22.42 14.94
C ILE C 183 21.42 -21.28 15.74
N THR C 184 20.12 -21.03 15.51
CA THR C 184 19.38 -19.97 16.19
C THR C 184 19.35 -20.21 17.69
N ALA C 185 19.07 -21.46 18.06
CA ALA C 185 18.99 -21.83 19.47
C ALA C 185 20.32 -21.57 20.17
N LYS C 186 21.40 -22.16 19.66
CA LYS C 186 22.70 -21.99 20.28
C LYS C 186 23.19 -20.57 20.26
N GLU C 187 22.94 -19.84 19.18
CA GLU C 187 23.37 -18.46 19.11
C GLU C 187 22.58 -17.66 20.13
N LEU C 188 21.26 -17.65 20.02
CA LEU C 188 20.42 -16.90 20.94
C LEU C 188 20.69 -17.20 22.40
N ALA C 189 21.06 -18.43 22.70
CA ALA C 189 21.33 -18.83 24.08
C ALA C 189 22.65 -18.24 24.54
N SER C 190 23.53 -17.92 23.60
CA SER C 190 24.83 -17.35 23.94
C SER C 190 24.69 -15.95 24.50
N TYR C 191 23.73 -15.19 23.96
CA TYR C 191 23.49 -13.81 24.43
C TYR C 191 22.81 -13.82 25.80
N GLY C 192 22.41 -15.01 26.26
CA GLY C 192 21.77 -15.12 27.56
C GLY C 192 20.26 -15.28 27.55
N ILE C 193 19.67 -15.14 26.36
CA ILE C 193 18.23 -15.26 26.17
C ILE C 193 17.68 -16.68 26.32
N PRO C 194 16.59 -16.85 27.11
CA PRO C 194 15.97 -18.16 27.31
C PRO C 194 15.31 -18.65 26.02
N VAL C 195 15.61 -19.87 25.63
CA VAL C 195 15.08 -20.44 24.39
C VAL C 195 14.20 -21.68 24.60
N ILE C 196 13.25 -21.88 23.68
CA ILE C 196 12.36 -23.03 23.69
C ILE C 196 12.41 -23.61 22.27
N TYR C 197 13.04 -24.76 22.15
CA TYR C 197 13.22 -25.44 20.87
C TYR C 197 12.12 -26.47 20.63
N VAL C 198 11.46 -26.39 19.49
CA VAL C 198 10.40 -27.35 19.18
C VAL C 198 10.45 -27.72 17.73
N VAL C 199 9.82 -28.85 17.42
CA VAL C 199 9.74 -29.37 16.07
C VAL C 199 8.87 -28.42 15.23
N ASP C 200 8.93 -28.49 13.90
CA ASP C 200 8.14 -27.58 13.05
C ASP C 200 6.64 -27.70 13.27
N SER C 201 6.18 -28.94 13.24
CA SER C 201 4.77 -29.27 13.41
C SER C 201 4.17 -28.68 14.66
N ALA C 202 5.00 -28.33 15.64
CA ALA C 202 4.49 -27.78 16.90
C ALA C 202 4.11 -26.30 16.80
N ALA C 203 4.45 -25.66 15.69
CA ALA C 203 4.17 -24.25 15.44
C ALA C 203 2.76 -23.77 15.81
N ARG C 204 1.72 -24.50 15.41
CA ARG C 204 0.36 -24.09 15.74
C ARG C 204 -0.03 -24.41 17.18
N HIS C 205 0.66 -25.39 17.76
CA HIS C 205 0.39 -25.79 19.13
C HIS C 205 0.81 -24.73 20.14
N TYR C 206 1.92 -24.04 19.88
CA TYR C 206 2.42 -23.01 20.78
C TYR C 206 2.17 -21.59 20.31
N MET C 207 1.43 -21.46 19.22
CA MET C 207 1.10 -20.16 18.65
C MET C 207 0.19 -19.38 19.60
N LYS C 208 -0.60 -20.11 20.38
CA LYS C 208 -1.53 -19.53 21.35
C LYS C 208 -0.82 -18.75 22.45
N MET C 209 0.40 -19.17 22.77
CA MET C 209 1.23 -18.54 23.79
C MET C 209 2.35 -17.67 23.19
N THR C 210 2.28 -17.40 21.90
CA THR C 210 3.30 -16.57 21.25
C THR C 210 2.75 -15.14 21.16
N ASP C 211 3.60 -14.16 21.41
CA ASP C 211 3.19 -12.76 21.34
C ASP C 211 3.55 -12.12 20.01
N LYS C 212 4.74 -12.42 19.50
CA LYS C 212 5.20 -11.85 18.23
C LYS C 212 5.93 -12.93 17.46
N VAL C 213 5.92 -12.80 16.14
CA VAL C 213 6.62 -13.73 15.26
C VAL C 213 7.63 -12.91 14.48
N VAL C 214 8.89 -13.31 14.51
CA VAL C 214 9.92 -12.56 13.82
C VAL C 214 10.75 -13.47 12.95
N MET C 215 10.69 -13.26 11.64
CA MET C 215 11.45 -14.07 10.70
C MET C 215 12.15 -13.21 9.65
N GLY C 216 13.11 -13.79 8.95
CA GLY C 216 13.85 -13.05 7.94
C GLY C 216 13.29 -13.29 6.56
N ALA C 217 14.06 -12.96 5.52
CA ALA C 217 13.61 -13.14 4.15
C ALA C 217 14.76 -13.25 3.16
N ASP C 218 14.54 -13.95 2.06
CA ASP C 218 15.57 -14.10 1.04
C ASP C 218 15.24 -13.19 -0.14
N SER C 219 13.96 -13.13 -0.48
CA SER C 219 13.48 -12.27 -1.56
C SER C 219 12.11 -11.76 -1.17
N ILE C 220 11.84 -10.51 -1.51
CA ILE C 220 10.53 -9.94 -1.23
C ILE C 220 10.04 -9.36 -2.55
N THR C 221 8.85 -9.77 -2.97
CA THR C 221 8.30 -9.31 -4.24
C THR C 221 7.62 -7.97 -4.08
N VAL C 222 7.52 -7.28 -5.21
CA VAL C 222 6.92 -5.96 -5.25
C VAL C 222 5.57 -5.88 -4.55
N ASN C 223 4.74 -6.91 -4.66
CA ASN C 223 3.43 -6.83 -4.04
C ASN C 223 3.41 -7.18 -2.55
N GLY C 224 4.59 -7.44 -1.99
CA GLY C 224 4.67 -7.74 -0.58
C GLY C 224 4.88 -9.19 -0.22
N ALA C 225 4.91 -10.06 -1.22
CA ALA C 225 5.12 -11.47 -0.96
C ALA C 225 6.53 -11.67 -0.41
N VAL C 226 6.64 -12.58 0.54
CA VAL C 226 7.92 -12.88 1.16
C VAL C 226 8.34 -14.31 0.91
N ILE C 227 9.50 -14.50 0.29
CA ILE C 227 10.02 -15.82 0.03
C ILE C 227 11.07 -16.08 1.10
N ASN C 228 10.85 -17.09 1.92
CA ASN C 228 11.78 -17.40 2.99
C ASN C 228 11.90 -18.91 3.19
N LYS C 229 12.83 -19.33 4.06
CA LYS C 229 13.04 -20.77 4.32
C LYS C 229 11.74 -21.54 4.35
N ILE C 230 11.73 -22.73 3.77
CA ILE C 230 10.51 -23.54 3.74
C ILE C 230 9.84 -23.49 5.11
N GLY C 231 8.51 -23.52 5.14
CA GLY C 231 7.78 -23.51 6.40
C GLY C 231 7.37 -22.16 6.96
N THR C 232 7.95 -21.10 6.40
CA THR C 232 7.64 -19.76 6.84
C THR C 232 6.16 -19.43 6.59
N ALA C 233 5.66 -19.78 5.40
CA ALA C 233 4.27 -19.55 5.04
C ALA C 233 3.31 -20.18 6.04
N LEU C 234 3.63 -21.40 6.48
CA LEU C 234 2.80 -22.12 7.43
C LEU C 234 2.74 -21.41 8.77
N ILE C 235 3.89 -20.90 9.21
CA ILE C 235 3.94 -20.19 10.47
C ILE C 235 3.14 -18.89 10.41
N ALA C 236 3.25 -18.17 9.29
CA ALA C 236 2.52 -16.92 9.12
C ALA C 236 1.01 -17.15 9.08
N LEU C 237 0.59 -18.25 8.46
CA LEU C 237 -0.81 -18.62 8.33
C LEU C 237 -1.47 -18.79 9.72
N THR C 238 -0.86 -19.63 10.55
CA THR C 238 -1.38 -19.86 11.87
C THR C 238 -1.19 -18.60 12.73
N ALA C 239 -0.18 -17.80 12.39
CA ALA C 239 0.05 -16.58 13.14
C ALA C 239 -1.10 -15.60 12.88
N LYS C 240 -1.58 -15.53 11.65
CA LYS C 240 -2.68 -14.62 11.34
C LYS C 240 -3.91 -15.11 12.09
N GLU C 241 -4.14 -16.42 12.00
CA GLU C 241 -5.26 -17.08 12.64
C GLU C 241 -5.41 -16.81 14.14
N HIS C 242 -4.31 -16.51 14.82
CA HIS C 242 -4.35 -16.23 16.26
C HIS C 242 -4.24 -14.75 16.59
N ARG C 243 -4.04 -13.92 15.55
CA ARG C 243 -3.88 -12.47 15.66
C ARG C 243 -2.51 -12.07 16.23
N VAL C 244 -1.53 -12.91 15.99
CA VAL C 244 -0.18 -12.61 16.46
C VAL C 244 0.56 -11.92 15.32
N TRP C 245 1.38 -10.93 15.65
CA TRP C 245 2.15 -10.21 14.64
C TRP C 245 3.20 -11.07 13.99
N THR C 246 3.42 -10.81 12.72
CA THR C 246 4.43 -11.50 11.95
C THR C 246 5.27 -10.37 11.37
N MET C 247 6.48 -10.21 11.90
CA MET C 247 7.35 -9.16 11.41
C MET C 247 8.49 -9.80 10.64
N ILE C 248 8.72 -9.36 9.42
CA ILE C 248 9.82 -9.89 8.64
C ILE C 248 10.94 -8.86 8.67
N ALA C 249 12.11 -9.27 9.13
CA ALA C 249 13.28 -8.40 9.20
C ALA C 249 14.13 -8.65 7.97
N ALA C 250 14.17 -7.67 7.06
CA ALA C 250 14.93 -7.80 5.82
C ALA C 250 15.49 -6.50 5.25
N GLU C 251 16.76 -6.52 4.87
CA GLU C 251 17.41 -5.34 4.30
C GLU C 251 16.75 -4.96 2.97
N THR C 252 17.00 -3.75 2.50
CA THR C 252 16.41 -3.33 1.24
C THR C 252 16.98 -4.12 0.06
N TYR C 253 18.11 -4.78 0.24
CA TYR C 253 18.66 -5.56 -0.86
C TYR C 253 18.03 -6.97 -0.92
N LYS C 254 16.98 -7.19 -0.14
CA LYS C 254 16.27 -8.46 -0.16
C LYS C 254 15.07 -8.31 -1.10
N PHE C 255 14.77 -7.09 -1.51
CA PHE C 255 13.64 -6.84 -2.39
C PHE C 255 13.98 -7.15 -3.85
N HIS C 256 13.07 -7.81 -4.55
CA HIS C 256 13.29 -8.23 -5.93
C HIS C 256 12.84 -7.21 -6.99
N PRO C 257 13.78 -6.50 -7.62
CA PRO C 257 13.39 -5.51 -8.65
C PRO C 257 12.69 -6.11 -9.86
N GLU C 258 13.24 -7.19 -10.39
CA GLU C 258 12.64 -7.87 -11.54
C GLU C 258 11.18 -8.17 -11.28
N THR C 259 10.88 -8.57 -10.05
CA THR C 259 9.53 -8.93 -9.61
C THR C 259 8.46 -7.96 -10.10
N MET C 260 8.80 -6.67 -10.10
CA MET C 260 7.90 -5.60 -10.52
C MET C 260 7.61 -5.60 -12.02
N LEU C 261 8.43 -6.34 -12.77
CA LEU C 261 8.28 -6.47 -14.20
C LEU C 261 7.50 -7.74 -14.54
N GLY C 262 6.85 -8.29 -13.52
CA GLY C 262 6.07 -9.49 -13.73
C GLY C 262 6.87 -10.73 -13.45
N GLN C 263 8.18 -10.56 -13.26
CA GLN C 263 9.10 -11.66 -12.97
C GLN C 263 8.69 -12.49 -11.76
N LEU C 264 8.76 -13.81 -11.91
CA LEU C 264 8.41 -14.77 -10.87
C LEU C 264 9.69 -15.19 -10.16
N VAL C 265 9.66 -15.23 -8.84
CA VAL C 265 10.86 -15.63 -8.10
C VAL C 265 10.90 -17.16 -8.01
N GLU C 266 12.00 -17.73 -8.49
CA GLU C 266 12.21 -19.18 -8.52
C GLU C 266 12.49 -19.84 -7.17
N ILE C 267 11.69 -20.85 -6.83
CA ILE C 267 11.88 -21.60 -5.59
C ILE C 267 12.88 -22.72 -5.82
N GLU C 268 14.07 -22.54 -5.30
CA GLU C 268 15.13 -23.53 -5.46
C GLU C 268 14.74 -24.90 -4.92
N MET C 269 15.10 -25.92 -5.67
CA MET C 269 14.87 -27.31 -5.30
C MET C 269 16.25 -27.87 -5.06
N ARG C 270 16.51 -28.33 -3.85
CA ARG C 270 17.83 -28.89 -3.54
C ARG C 270 17.85 -30.42 -3.56
N ASP C 271 19.06 -30.98 -3.52
CA ASP C 271 19.26 -32.43 -3.55
C ASP C 271 18.57 -33.20 -2.42
N PRO C 272 17.92 -34.32 -2.76
CA PRO C 272 17.20 -35.17 -1.82
C PRO C 272 18.01 -35.77 -0.68
N THR C 273 19.29 -36.02 -0.91
CA THR C 273 20.12 -36.63 0.14
C THR C 273 20.45 -35.64 1.24
N GLU C 274 19.83 -34.47 1.14
CA GLU C 274 19.99 -33.39 2.12
C GLU C 274 18.83 -33.59 3.09
N VAL C 275 17.82 -34.35 2.65
CA VAL C 275 16.66 -34.65 3.47
C VAL C 275 16.84 -36.03 4.09
N ILE C 276 17.13 -37.01 3.23
CA ILE C 276 17.35 -38.39 3.67
C ILE C 276 18.74 -38.83 3.22
N PRO C 277 19.69 -39.00 4.16
CA PRO C 277 21.06 -39.41 3.84
C PRO C 277 21.15 -40.50 2.78
N GLU C 278 22.00 -40.23 1.78
CA GLU C 278 22.21 -41.11 0.64
C GLU C 278 22.29 -42.60 0.97
N ASP C 279 23.08 -42.94 2.00
CA ASP C 279 23.23 -44.35 2.37
C ASP C 279 21.93 -44.97 2.89
N GLU C 280 20.97 -44.13 3.29
CA GLU C 280 19.69 -44.62 3.78
C GLU C 280 18.66 -44.52 2.64
N LEU C 281 18.86 -43.55 1.76
CA LEU C 281 17.95 -43.31 0.66
C LEU C 281 18.03 -44.36 -0.44
N LYS C 282 19.25 -44.85 -0.69
CA LYS C 282 19.46 -45.85 -1.72
C LYS C 282 18.79 -47.16 -1.32
N THR C 283 18.42 -47.24 -0.05
CA THR C 283 17.77 -48.41 0.51
C THR C 283 16.29 -48.37 0.18
N TRP C 284 15.75 -47.16 0.05
CA TRP C 284 14.34 -46.94 -0.22
C TRP C 284 13.83 -47.39 -1.57
N PRO C 285 12.53 -47.76 -1.63
CA PRO C 285 11.83 -48.22 -2.85
C PRO C 285 11.86 -47.06 -3.84
N LYS C 286 12.25 -47.33 -5.07
CA LYS C 286 12.34 -46.25 -6.04
C LYS C 286 11.01 -45.60 -6.45
N ASN C 287 9.89 -46.15 -6.00
CA ASN C 287 8.65 -45.49 -6.34
C ASN C 287 8.31 -44.44 -5.28
N ILE C 288 9.28 -44.18 -4.40
CA ILE C 288 9.16 -43.15 -3.37
C ILE C 288 10.14 -42.07 -3.84
N GLU C 289 9.66 -40.84 -3.98
CA GLU C 289 10.50 -39.74 -4.45
C GLU C 289 10.50 -38.59 -3.44
N VAL C 290 11.68 -38.10 -3.08
CA VAL C 290 11.79 -37.00 -2.12
C VAL C 290 11.91 -35.63 -2.78
N TRP C 291 11.04 -34.71 -2.40
CA TRP C 291 11.06 -33.36 -2.94
C TRP C 291 11.55 -32.39 -1.88
N ASN C 292 12.62 -31.67 -2.19
CA ASN C 292 13.19 -30.77 -1.21
C ASN C 292 13.23 -29.29 -1.56
N PRO C 293 12.07 -28.60 -1.48
CA PRO C 293 12.04 -27.18 -1.77
C PRO C 293 12.65 -26.43 -0.59
N ALA C 294 13.55 -25.51 -0.87
CA ALA C 294 14.22 -24.79 0.21
C ALA C 294 13.51 -23.55 0.71
N PHE C 295 12.44 -23.13 0.04
CA PHE C 295 11.73 -21.95 0.46
C PHE C 295 10.29 -22.15 0.09
N ASP C 296 9.46 -21.17 0.43
CA ASP C 296 8.05 -21.17 0.08
C ASP C 296 7.63 -19.71 0.03
N VAL C 297 6.39 -19.45 -0.39
CA VAL C 297 5.96 -18.07 -0.49
C VAL C 297 4.90 -17.69 0.52
N THR C 298 5.15 -16.61 1.24
CA THR C 298 4.23 -16.12 2.24
C THR C 298 3.51 -14.89 1.67
N PRO C 299 2.16 -14.92 1.66
CA PRO C 299 1.34 -13.82 1.15
C PRO C 299 1.52 -12.56 1.97
N PRO C 300 1.40 -11.39 1.33
CA PRO C 300 1.55 -10.08 1.98
C PRO C 300 0.53 -9.84 3.09
N GLU C 301 -0.61 -10.51 3.03
CA GLU C 301 -1.65 -10.34 4.04
C GLU C 301 -1.38 -11.07 5.35
N TYR C 302 -0.39 -11.96 5.36
CA TYR C 302 -0.06 -12.67 6.58
C TYR C 302 1.15 -11.98 7.21
N VAL C 303 1.65 -10.96 6.53
CA VAL C 303 2.78 -10.17 6.99
C VAL C 303 2.27 -8.82 7.49
N ASP C 304 2.56 -8.48 8.74
CA ASP C 304 2.08 -7.21 9.28
C ASP C 304 3.01 -6.07 8.97
N VAL C 305 4.31 -6.29 9.08
CA VAL C 305 5.30 -5.27 8.75
C VAL C 305 6.60 -5.89 8.29
N ILE C 306 7.45 -5.08 7.67
CA ILE C 306 8.76 -5.53 7.23
C ILE C 306 9.71 -4.53 7.86
N ILE C 307 10.70 -5.01 8.58
CA ILE C 307 11.64 -4.11 9.21
C ILE C 307 12.86 -4.02 8.34
N THR C 308 13.08 -2.86 7.72
CA THR C 308 14.24 -2.66 6.86
C THR C 308 15.09 -1.60 7.50
N GLU C 309 16.30 -1.40 6.97
CA GLU C 309 17.21 -0.40 7.50
C GLU C 309 16.74 1.02 7.18
N ARG C 310 15.54 1.13 6.61
CA ARG C 310 14.99 2.42 6.24
C ARG C 310 13.63 2.67 6.89
N GLY C 311 13.31 1.88 7.91
CA GLY C 311 12.04 2.03 8.61
C GLY C 311 11.13 0.82 8.54
N ILE C 312 10.08 0.83 9.37
CA ILE C 312 9.09 -0.24 9.38
C ILE C 312 8.17 0.08 8.22
N ILE C 313 7.77 -0.92 7.45
CA ILE C 313 6.87 -0.65 6.34
C ILE C 313 5.83 -1.72 6.13
N PRO C 314 4.63 -1.34 5.65
CA PRO C 314 3.63 -2.38 5.45
C PRO C 314 4.09 -3.20 4.24
N PRO C 315 3.74 -4.49 4.18
CA PRO C 315 4.15 -5.33 3.04
C PRO C 315 3.95 -4.66 1.69
N TYR C 316 2.73 -4.17 1.46
CA TYR C 316 2.34 -3.51 0.23
C TYR C 316 3.18 -2.31 -0.14
N ALA C 317 4.03 -1.86 0.78
CA ALA C 317 4.91 -0.71 0.51
C ALA C 317 6.23 -1.16 -0.09
N ALA C 318 6.32 -2.45 -0.41
CA ALA C 318 7.52 -3.02 -1.00
C ALA C 318 7.80 -2.40 -2.37
N ILE C 319 6.74 -1.91 -3.03
CA ILE C 319 6.91 -1.30 -4.34
C ILE C 319 7.64 0.04 -4.21
N ASP C 320 7.48 0.71 -3.06
CA ASP C 320 8.14 1.98 -2.79
C ASP C 320 9.64 1.77 -2.62
N ILE C 321 10.03 0.66 -1.96
CA ILE C 321 11.43 0.39 -1.75
C ILE C 321 12.12 0.12 -3.10
N LEU C 322 11.45 -0.64 -3.96
CA LEU C 322 11.98 -0.97 -5.27
C LEU C 322 12.23 0.23 -6.14
N ARG C 323 11.30 1.18 -6.13
CA ARG C 323 11.46 2.36 -6.97
C ARG C 323 12.61 3.23 -6.53
N GLU C 324 12.74 3.49 -5.23
CA GLU C 324 13.82 4.34 -4.76
C GLU C 324 15.23 3.77 -4.75
N GLU C 325 15.40 2.46 -4.62
CA GLU C 325 16.74 1.88 -4.56
C GLU C 325 17.17 1.12 -5.81
N PHE C 326 16.27 0.94 -6.76
CA PHE C 326 16.63 0.17 -7.96
C PHE C 326 16.14 0.76 -9.27
N GLY C 327 15.98 2.08 -9.35
CA GLY C 327 15.54 2.68 -10.60
C GLY C 327 16.60 2.47 -11.69
N TRP C 328 17.52 1.54 -11.40
CA TRP C 328 18.64 1.19 -12.29
C TRP C 328 18.40 -0.07 -13.15
N ALA C 329 18.07 -1.19 -12.49
CA ALA C 329 17.82 -2.49 -13.14
C ALA C 329 16.83 -2.46 -14.32
N LEU C 330 15.81 -1.59 -14.25
CA LEU C 330 14.81 -1.51 -15.33
C LEU C 330 15.46 -1.22 -16.70
N LYS C 331 16.33 -0.22 -16.73
CA LYS C 331 17.01 0.22 -17.95
C LYS C 331 18.01 -0.75 -18.61
N TYR C 332 18.77 -1.49 -17.82
CA TYR C 332 19.77 -2.38 -18.42
C TYR C 332 19.68 -3.85 -18.06
N THR C 333 20.69 -4.57 -18.56
CA THR C 333 20.88 -5.99 -18.34
C THR C 333 21.71 -6.07 -17.06
N GLU C 334 22.25 -7.25 -16.77
CA GLU C 334 23.09 -7.40 -15.61
C GLU C 334 24.43 -6.78 -16.01
N PRO C 335 24.96 -5.91 -15.14
CA PRO C 335 26.24 -5.23 -15.39
C PRO C 335 27.39 -6.18 -15.64
N TRP C 336 27.12 -7.47 -15.73
CA TRP C 336 28.18 -8.44 -15.98
C TRP C 336 27.86 -9.28 -17.22
N GLU C 337 27.05 -8.71 -18.11
CA GLU C 337 26.72 -9.43 -19.33
C GLU C 337 27.49 -8.88 -20.54
N ASP C 338 28.23 -9.79 -21.20
CA ASP C 338 29.05 -9.49 -22.37
C ASP C 338 30.19 -10.51 -22.48
P RI2 D . -10.38 -3.83 -22.08
C1 RI2 D . -15.47 -4.04 -20.58
O1 RI2 D . -16.66 -3.40 -20.09
C2 RI2 D . -15.28 -5.37 -19.85
O2 RI2 D . -15.91 -5.30 -18.57
C3 RI2 D . -13.75 -5.49 -19.73
O3 RI2 D . -13.36 -6.31 -18.63
C4 RI2 D . -13.31 -4.03 -19.53
O4 RI2 D . -14.28 -3.23 -20.28
C5 RI2 D . -11.89 -3.79 -20.06
O5 RI2 D . -11.84 -4.16 -21.44
PA RI2 D . -17.67 -3.08 -21.30
O1A RI2 D . -17.18 -1.93 -22.10
O1P RI2 D . -9.33 -4.66 -21.46
O2A RI2 D . -18.99 -2.72 -20.76
O2P RI2 D . -10.41 -4.15 -23.52
O3A RI2 D . -17.81 -4.27 -22.18
O3P RI2 D . -10.05 -2.40 -21.91
C1 PEG E . -2.58 -17.17 -2.88
O1 PEG E . -1.67 -17.59 -3.92
C2 PEG E . -3.60 -16.19 -3.46
O2 PEG E . -4.55 -15.82 -2.45
C3 PEG E . -5.43 -14.80 -2.93
C4 PEG E . -6.36 -15.34 -4.03
O4 PEG E . -7.20 -14.29 -4.50
C1 PEG F . -4.16 -27.67 -19.43
O1 PEG F . -2.98 -27.57 -20.24
C2 PEG F . -3.89 -28.60 -18.25
O2 PEG F . -5.09 -28.80 -17.47
C3 PEG F . -6.12 -29.38 -18.29
C4 PEG F . -7.44 -29.50 -17.51
O4 PEG F . -8.46 -30.00 -18.39
C1 PEG G . 4.33 -21.83 -29.95
O1 PEG G . 4.18 -20.84 -30.99
C2 PEG G . 2.96 -22.19 -29.39
O2 PEG G . 3.10 -23.16 -28.34
C3 PEG G . 1.83 -23.46 -27.76
C4 PEG G . 2.03 -24.27 -26.48
O4 PEG G . 2.69 -25.50 -26.78
CL CL H . -22.99 -6.09 -20.58
MG MG I . 3.11 3.69 -1.91
P RI2 J . -11.32 14.51 16.31
C1 RI2 J . -10.84 11.46 20.68
O1 RI2 J . -10.09 10.89 21.77
C2 RI2 J . -11.84 10.43 20.13
O2 RI2 J . -11.33 9.10 20.25
C3 RI2 J . -11.96 10.86 18.66
O3 RI2 J . -12.37 9.77 17.85
C4 RI2 J . -10.52 11.29 18.32
O4 RI2 J . -9.96 11.84 19.56
C5 RI2 J . -10.45 12.30 17.15
O5 RI2 J . -11.60 13.17 17.19
PA RI2 J . -10.27 11.79 23.11
O1A RI2 J . -9.56 13.09 22.97
O1P RI2 J . -11.63 14.26 14.88
O2A RI2 J . -11.71 12.05 23.37
O2P RI2 J . -12.21 15.59 16.78
O3A RI2 J . -9.69 11.07 24.27
O3P RI2 J . -9.92 14.95 16.44
C1 PEG K . -17.23 -4.96 1.11
O1 PEG K . -17.35 -5.05 -0.32
C2 PEG K . -16.55 -3.64 1.49
O2 PEG K . -16.45 -3.53 2.92
C3 PEG K . -15.35 -4.30 3.43
C4 PEG K . -15.38 -4.37 4.95
O4 PEG K . -15.31 -3.06 5.54
O1 PG4 L . -32.98 5.83 7.13
C1 PG4 L . -33.33 4.54 6.63
C2 PG4 L . -33.30 3.51 7.75
O2 PG4 L . -34.21 3.87 8.79
C3 PG4 L . -34.38 2.79 9.71
C4 PG4 L . -35.52 3.05 10.68
O3 PG4 L . -35.23 4.19 11.52
C5 PG4 L . -36.35 4.44 12.38
C6 PG4 L . -35.99 5.33 13.56
O4 PG4 L . -35.55 6.63 13.15
C7 PG4 L . -35.42 7.49 14.29
C8 PG4 L . -35.21 8.93 13.82
O5 PG4 L . -35.17 9.82 14.94
C1 PEG M . -30.08 21.41 4.65
O1 PEG M . -29.99 21.42 6.07
C2 PEG M . -30.61 20.06 4.18
O2 PEG M . -31.90 19.81 4.76
C3 PEG M . -32.50 18.64 4.18
C4 PEG M . -31.65 17.39 4.49
O4 PEG M . -32.27 16.24 3.92
C1 PEG N . -27.29 -7.01 3.83
O1 PEG N . -28.06 -6.16 4.68
C2 PEG N . -25.81 -6.64 3.93
O2 PEG N . -25.63 -5.27 3.53
C3 PEG N . -24.59 -4.67 4.32
C4 PEG N . -25.00 -4.72 5.79
O4 PEG N . -26.26 -4.06 5.98
CL CL O . -13.92 19.58 24.44
P RI2 P . 19.45 -13.60 6.81
C1 RI2 P . 18.08 -17.99 4.64
O1 RI2 P . 17.95 -18.84 3.51
C2 RI2 P . 16.96 -18.30 5.65
O2 RI2 P . 15.77 -18.71 4.96
C3 RI2 P . 16.78 -16.95 6.33
O3 RI2 P . 15.50 -16.82 6.93
C4 RI2 P . 16.97 -15.96 5.17
O4 RI2 P . 17.88 -16.61 4.24
C5 RI2 P . 17.54 -14.65 5.65
O5 RI2 P . 18.54 -14.90 6.63
PA RI2 P . 19.21 -19.84 3.42
O1A RI2 P . 20.41 -19.11 2.97
O1P RI2 P . 18.74 -12.56 7.57
O2A RI2 P . 19.48 -20.45 4.73
O2P RI2 P . 20.66 -13.97 7.56
O3A RI2 P . 18.91 -20.90 2.44
O3P RI2 P . 19.85 -13.05 5.50
C1 PEG Q . -2.86 -7.21 15.19
O1 PEG Q . -4.23 -7.61 15.36
C2 PEG Q . -2.33 -7.68 13.83
O2 PEG Q . -2.43 -9.11 13.75
C3 PEG Q . -1.90 -9.59 12.51
C4 PEG Q . -1.83 -11.12 12.55
O4 PEG Q . -1.14 -11.63 11.41
C1 PEG R . 8.91 -15.29 29.03
O1 PEG R . 9.70 -14.17 29.44
C2 PEG R . 7.75 -15.49 30.00
O2 PEG R . 6.93 -16.60 29.60
C3 PEG R . 7.62 -17.85 29.81
C4 PEG R . 6.71 -19.03 29.48
O4 PEG R . 7.40 -20.26 29.72
C1 PEG S . 20.08 -7.51 29.37
O1 PEG S . 20.84 -6.32 29.66
C2 PEG S . 19.70 -8.21 30.69
O2 PEG S . 18.94 -9.39 30.40
C3 PEG S . 17.70 -9.03 29.76
C4 PEG S . 16.76 -8.38 30.78
O4 PEG S . 16.51 -9.32 31.84
C1 PEG T . 10.30 -31.66 -9.69
O1 PEG T . 8.89 -31.88 -9.80
C2 PEG T . 10.80 -32.23 -8.37
O2 PEG T . 12.21 -31.96 -8.22
C3 PEG T . 12.63 -32.34 -6.90
C4 PEG T . 14.05 -31.84 -6.63
O4 PEG T . 14.38 -32.09 -5.26
CL CL U . 17.40 -25.76 3.50
MG MG V . -2.91 -15.32 23.45
#